data_5VIF
#
_entry.id   5VIF
#
_cell.length_a   139.084
_cell.length_b   152.733
_cell.length_c   199.398
_cell.angle_alpha   90.00
_cell.angle_beta   90.00
_cell.angle_gamma   90.00
#
_symmetry.space_group_name_H-M   'F 2 2 2'
#
loop_
_entity.id
_entity.type
_entity.pdbx_description
1 polymer 'UDP-N-acetylglucosamine--peptide N-acetylglucosaminyltransferase 110 kDa subunit'
2 polymer CKII
3 non-polymer "URIDINE-5'-DIPHOSPHATE"
4 non-polymer 2-{[(2E)-4-chlorobut-2-enoyl]amino}-2-deoxy-beta-D-glucopyranose
5 water water
#
loop_
_entity_poly.entity_id
_entity_poly.type
_entity_poly.pdbx_seq_one_letter_code
_entity_poly.pdbx_strand_id
1 'polypeptide(L)'
;GPGSCPTHADSLNNLANIKREQGNIEEAVRLYRKALEVFPEFAAAHSNLASVLQQQGKLQEALMHYKEAIRISPTFADAY
SNMGNTLKEMQDVQGALQCYTRAIQINPAFADAHSNLASIHKDSGNIPEAIASYRTALKLKPDFPDAYCNLAHCLQIVCD
WTDYDERMKKLVSIVADQLEKNRLPSVHPHHSMLYPLSHGFRKAIAERHGNLCLDKINVLHKPPYEHPKDLKLSDGRLRV
GYVSSDFGNHPTSHLMQSIPGMHNPDKFEVFCYALSPDDGTNFRVKVMAEANHFIDLSQIPCNGKAADRIHQDGIHILVN
MNGYTKGARNELFALRPAPIQAMWLGYPGTSGALFMDYIITDQETSPAEVAEQYSEKLAYMPHTFFIGDHANMFPHLKKK
AVIDFKSNGHIYDNRIVLNGIDLKAFLDSLPDVKIVKMKCPDGGDNADSSNTALNMPVIPMNTIAEAVIEMINRGQIQIT
INGFSISNGLATTQINNKAATGEEVPRTIIVTTRSQYGLPEDAIVYCNFNQLYKIDPSTLQMWANILKRVPNSVLWLLRF
PAVGEPNIQQYAQNMGLPQNRIIFSPVAPKEEHVRRGQLADVCLDTPLCNGHTTGMDVLWAGTPMVTMPGETLASRVAAS
QLTCLGCLELIAKNRQEYEDIAVKLGTDLEYLKKVRGKVWKQRISSPLFNTKQYTMELERLYLQMWEHYAAGNKPDHMIK
PVE
;
A
2 'polypeptide(L)' YPGGSTPVSSANMM B
#
loop_
_chem_comp.id
_chem_comp.type
_chem_comp.name
_chem_comp.formula
9C1 D-saccharide, beta linking 2-{[(2E)-4-chlorobut-2-enoyl]amino}-2-deoxy-beta-D-glucopyranose 'C10 H16 Cl N O6'
UDP RNA linking URIDINE-5'-DIPHOSPHATE 'C9 H14 N2 O12 P2'
#
# COMPACT_ATOMS: atom_id res chain seq x y z
N LEU A 15 17.81 -30.78 -25.26
CA LEU A 15 16.73 -31.78 -25.37
C LEU A 15 15.33 -31.17 -25.35
N ALA A 16 14.56 -31.50 -26.38
CA ALA A 16 13.17 -31.06 -26.48
C ALA A 16 12.38 -31.63 -25.25
N ASN A 17 13.03 -32.59 -24.59
CA ASN A 17 12.50 -33.27 -23.42
C ASN A 17 12.51 -32.34 -22.24
N ILE A 18 13.75 -32.01 -21.85
CA ILE A 18 14.00 -31.14 -20.73
C ILE A 18 13.09 -29.91 -20.85
N LYS A 19 12.98 -29.37 -22.06
CA LYS A 19 12.09 -28.27 -22.27
C LYS A 19 10.72 -28.65 -21.79
N ARG A 20 10.32 -29.90 -22.02
CA ARG A 20 8.99 -30.32 -21.60
C ARG A 20 8.77 -30.56 -20.13
N GLU A 21 9.81 -30.94 -19.41
CA GLU A 21 9.66 -31.12 -17.98
C GLU A 21 9.25 -29.74 -17.47
N GLN A 22 7.97 -29.41 -17.65
CA GLN A 22 7.34 -28.21 -17.12
C GLN A 22 6.83 -28.57 -15.71
N GLY A 23 7.51 -28.01 -14.71
CA GLY A 23 7.17 -28.22 -13.33
C GLY A 23 8.27 -28.97 -12.61
N ASN A 24 8.96 -29.90 -13.27
CA ASN A 24 10.02 -30.63 -12.61
C ASN A 24 11.35 -29.97 -12.82
N ILE A 25 11.53 -28.87 -12.10
CA ILE A 25 12.66 -27.96 -12.34
C ILE A 25 14.03 -28.66 -12.27
N GLU A 26 14.44 -29.27 -11.14
CA GLU A 26 15.83 -29.82 -11.07
C GLU A 26 16.10 -30.90 -12.13
N GLU A 27 15.00 -31.50 -12.61
CA GLU A 27 15.04 -32.57 -13.59
C GLU A 27 15.39 -32.01 -14.97
N ALA A 28 14.66 -30.98 -15.42
CA ALA A 28 14.99 -30.15 -16.59
C ALA A 28 16.45 -29.70 -16.56
N VAL A 29 16.87 -29.12 -15.44
CA VAL A 29 18.26 -28.67 -15.28
C VAL A 29 19.26 -29.79 -15.64
N ARG A 30 19.08 -30.95 -15.00
CA ARG A 30 20.02 -32.09 -15.09
C ARG A 30 20.09 -32.61 -16.54
N LEU A 31 18.98 -32.51 -17.27
CA LEU A 31 18.98 -32.93 -18.64
C LEU A 31 19.61 -31.92 -19.63
N TYR A 32 19.44 -30.61 -19.37
CA TYR A 32 20.08 -29.60 -20.25
C TYR A 32 21.57 -29.72 -20.13
N ARG A 33 22.03 -30.01 -18.89
CA ARG A 33 23.44 -30.27 -18.62
C ARG A 33 23.98 -31.43 -19.50
N LYS A 34 23.16 -32.49 -19.60
CA LYS A 34 23.50 -33.69 -20.36
C LYS A 34 23.54 -33.42 -21.86
N ALA A 35 22.54 -32.68 -22.34
CA ALA A 35 22.53 -32.12 -23.71
C ALA A 35 23.82 -31.38 -24.05
N LEU A 36 24.37 -30.66 -23.07
CA LEU A 36 25.65 -29.99 -23.28
C LEU A 36 26.84 -30.96 -23.08
N GLU A 37 26.61 -32.08 -22.38
CA GLU A 37 27.61 -33.18 -22.35
C GLU A 37 27.77 -33.89 -23.70
N VAL A 38 26.66 -34.06 -24.43
CA VAL A 38 26.64 -34.63 -25.81
C VAL A 38 27.19 -33.61 -26.78
N PHE A 39 26.58 -32.42 -26.81
CA PHE A 39 26.89 -31.35 -27.76
C PHE A 39 27.18 -30.06 -26.97
N PRO A 40 28.49 -29.76 -26.70
CA PRO A 40 28.86 -28.53 -25.98
C PRO A 40 28.36 -27.24 -26.68
N GLU A 41 28.42 -27.17 -27.99
CA GLU A 41 28.18 -25.94 -28.74
C GLU A 41 26.68 -25.66 -29.06
N PHE A 42 25.82 -25.78 -28.06
CA PHE A 42 24.36 -25.80 -28.25
C PHE A 42 23.60 -24.58 -27.59
N ALA A 43 23.42 -23.54 -28.39
CA ALA A 43 23.01 -22.21 -27.94
C ALA A 43 21.71 -22.32 -27.20
N ALA A 44 20.76 -23.00 -27.84
CA ALA A 44 19.44 -23.14 -27.29
C ALA A 44 19.47 -23.83 -25.93
N ALA A 45 20.35 -24.81 -25.76
CA ALA A 45 20.42 -25.51 -24.46
C ALA A 45 21.04 -24.63 -23.35
N HIS A 46 22.04 -23.84 -23.71
CA HIS A 46 22.57 -22.81 -22.81
C HIS A 46 21.50 -21.84 -22.35
N SER A 47 20.74 -21.31 -23.32
CA SER A 47 19.68 -20.40 -23.06
C SER A 47 18.55 -20.94 -22.24
N ASN A 48 18.20 -22.20 -22.49
CA ASN A 48 17.14 -22.80 -21.69
C ASN A 48 17.64 -23.13 -20.30
N LEU A 49 18.86 -23.68 -20.21
CA LEU A 49 19.52 -23.95 -18.91
C LEU A 49 19.56 -22.64 -18.07
N ALA A 50 19.89 -21.53 -18.74
CA ALA A 50 19.91 -20.25 -18.03
C ALA A 50 18.51 -19.88 -17.49
N SER A 51 17.50 -20.11 -18.31
CA SER A 51 16.17 -19.73 -17.93
C SER A 51 15.67 -20.53 -16.71
N VAL A 52 16.04 -21.78 -16.65
CA VAL A 52 15.64 -22.54 -15.48
C VAL A 52 16.53 -22.24 -14.27
N LEU A 53 17.82 -21.98 -14.50
CA LEU A 53 18.66 -21.60 -13.35
C LEU A 53 18.11 -20.32 -12.75
N GLN A 54 17.59 -19.45 -13.62
CA GLN A 54 16.99 -18.19 -13.16
C GLN A 54 15.74 -18.43 -12.31
N GLN A 55 14.90 -19.40 -12.72
CA GLN A 55 13.69 -19.73 -11.91
C GLN A 55 14.06 -20.24 -10.52
N GLN A 56 15.20 -20.92 -10.43
CA GLN A 56 15.72 -21.39 -9.12
C GLN A 56 16.40 -20.27 -8.31
N GLY A 57 16.48 -19.06 -8.87
CA GLY A 57 17.16 -17.93 -8.22
C GLY A 57 18.71 -17.91 -8.32
N LYS A 58 19.30 -18.75 -9.19
CA LYS A 58 20.76 -18.77 -9.44
C LYS A 58 21.12 -17.77 -10.53
N LEU A 59 21.08 -16.50 -10.16
CA LEU A 59 21.07 -15.43 -11.16
C LEU A 59 22.41 -15.30 -11.88
N GLN A 60 23.48 -15.42 -11.12
CA GLN A 60 24.83 -15.30 -11.71
C GLN A 60 25.12 -16.45 -12.61
N GLU A 61 24.75 -17.67 -12.17
CA GLU A 61 24.91 -18.80 -13.07
C GLU A 61 24.04 -18.66 -14.35
N ALA A 62 22.79 -18.24 -14.16
CA ALA A 62 21.88 -18.01 -15.31
C ALA A 62 22.56 -17.06 -16.31
N LEU A 63 23.09 -15.95 -15.78
CA LEU A 63 23.61 -14.88 -16.62
C LEU A 63 24.76 -15.42 -17.42
N MET A 64 25.58 -16.26 -16.76
CA MET A 64 26.73 -16.87 -17.47
C MET A 64 26.35 -17.69 -18.71
N HIS A 65 25.37 -18.61 -18.56
CA HIS A 65 24.83 -19.37 -19.68
C HIS A 65 24.08 -18.57 -20.72
N TYR A 66 23.40 -17.47 -20.34
CA TYR A 66 22.83 -16.63 -21.38
C TYR A 66 23.92 -16.08 -22.22
N LYS A 67 25.00 -15.64 -21.56
CA LYS A 67 26.14 -15.02 -22.32
C LYS A 67 26.78 -16.10 -23.21
N GLU A 68 26.83 -17.35 -22.71
CA GLU A 68 27.37 -18.45 -23.56
C GLU A 68 26.52 -18.67 -24.82
N ALA A 69 25.21 -18.68 -24.62
CA ALA A 69 24.23 -18.78 -25.68
C ALA A 69 24.44 -17.68 -26.73
N ILE A 70 24.71 -16.46 -26.25
CA ILE A 70 24.86 -15.37 -27.19
C ILE A 70 26.22 -15.49 -27.86
N ARG A 71 27.23 -15.98 -27.15
CA ARG A 71 28.53 -16.15 -27.77
CA ARG A 71 28.52 -16.11 -27.85
C ARG A 71 28.43 -17.07 -29.04
N ILE A 72 27.74 -18.18 -28.89
CA ILE A 72 27.50 -19.11 -30.02
C ILE A 72 26.63 -18.46 -31.12
N SER A 73 25.54 -17.78 -30.71
CA SER A 73 24.59 -17.18 -31.68
CA SER A 73 24.60 -17.17 -31.67
C SER A 73 24.44 -15.68 -31.39
N PRO A 74 25.32 -14.85 -31.95
CA PRO A 74 25.27 -13.37 -31.66
C PRO A 74 23.94 -12.67 -31.94
N THR A 75 23.05 -13.27 -32.71
CA THR A 75 21.80 -12.58 -33.00
C THR A 75 20.61 -13.35 -32.40
N PHE A 76 20.85 -14.13 -31.33
CA PHE A 76 19.81 -14.88 -30.59
C PHE A 76 18.88 -13.93 -29.72
N ALA A 77 17.90 -13.29 -30.36
CA ALA A 77 17.02 -12.25 -29.76
C ALA A 77 16.43 -12.72 -28.46
N ASP A 78 15.98 -13.97 -28.46
CA ASP A 78 15.32 -14.51 -27.34
C ASP A 78 16.24 -14.64 -26.13
N ALA A 79 17.54 -14.86 -26.36
CA ALA A 79 18.47 -15.04 -25.26
C ALA A 79 18.69 -13.67 -24.64
N TYR A 80 18.84 -12.64 -25.45
CA TYR A 80 19.05 -11.27 -24.95
C TYR A 80 17.84 -10.82 -24.09
N SER A 81 16.61 -11.21 -24.53
CA SER A 81 15.40 -10.75 -23.89
C SER A 81 15.26 -11.47 -22.59
N ASN A 82 15.53 -12.77 -22.54
CA ASN A 82 15.62 -13.47 -21.26
C ASN A 82 16.75 -13.07 -20.30
N MET A 83 17.91 -12.74 -20.88
CA MET A 83 19.03 -12.17 -20.13
C MET A 83 18.57 -10.89 -19.44
N GLY A 84 17.88 -10.05 -20.17
CA GLY A 84 17.40 -8.77 -19.59
C GLY A 84 16.54 -9.01 -18.38
N ASN A 85 15.70 -10.04 -18.42
CA ASN A 85 14.92 -10.36 -17.23
C ASN A 85 15.83 -10.71 -16.07
N THR A 86 16.85 -11.53 -16.32
CA THR A 86 17.74 -11.92 -15.26
C THR A 86 18.38 -10.64 -14.66
N LEU A 87 18.81 -9.73 -15.54
CA LEU A 87 19.50 -8.49 -15.13
C LEU A 87 18.60 -7.62 -14.24
N LYS A 88 17.32 -7.62 -14.63
CA LYS A 88 16.33 -6.92 -13.89
C LYS A 88 16.15 -7.54 -12.52
N GLU A 89 16.19 -8.87 -12.40
CA GLU A 89 16.13 -9.49 -11.06
C GLU A 89 17.39 -9.07 -10.28
N MET A 90 18.57 -9.04 -10.91
CA MET A 90 19.80 -8.63 -10.20
C MET A 90 19.83 -7.14 -9.92
N GLN A 91 18.79 -6.39 -10.32
CA GLN A 91 18.72 -4.90 -10.21
C GLN A 91 19.70 -4.03 -11.03
N ASP A 92 20.34 -4.69 -11.98
CA ASP A 92 20.98 -4.01 -13.10
C ASP A 92 19.93 -3.63 -14.16
N VAL A 93 19.27 -2.51 -13.88
CA VAL A 93 18.19 -1.95 -14.69
C VAL A 93 18.64 -1.39 -16.03
N GLN A 94 19.81 -0.80 -16.09
CA GLN A 94 20.28 -0.29 -17.35
C GLN A 94 20.74 -1.41 -18.26
N GLY A 95 21.34 -2.43 -17.64
CA GLY A 95 21.77 -3.61 -18.32
C GLY A 95 20.55 -4.26 -18.98
N ALA A 96 19.47 -4.36 -18.21
CA ALA A 96 18.19 -4.94 -18.65
C ALA A 96 17.66 -4.23 -19.88
N LEU A 97 17.69 -2.90 -19.84
CA LEU A 97 17.27 -2.06 -20.94
C LEU A 97 18.07 -2.34 -22.18
N GLN A 98 19.39 -2.46 -22.00
CA GLN A 98 20.34 -2.70 -23.12
C GLN A 98 19.98 -4.01 -23.83
N CYS A 99 19.70 -5.05 -23.03
CA CYS A 99 19.31 -6.35 -23.57
C CYS A 99 17.99 -6.34 -24.31
N TYR A 100 16.96 -5.76 -23.68
CA TYR A 100 15.64 -5.63 -24.35
C TYR A 100 15.73 -4.83 -25.62
N THR A 101 16.48 -3.76 -25.60
CA THR A 101 16.59 -2.91 -26.76
C THR A 101 17.28 -3.63 -27.86
N ARG A 102 18.29 -4.40 -27.48
CA ARG A 102 19.06 -5.17 -28.43
C ARG A 102 18.15 -6.25 -29.06
N ALA A 103 17.31 -6.90 -28.25
CA ALA A 103 16.40 -7.90 -28.76
C ALA A 103 15.47 -7.30 -29.82
N ILE A 104 15.09 -6.05 -29.62
CA ILE A 104 14.12 -5.37 -30.48
C ILE A 104 14.83 -4.89 -31.72
N GLN A 105 16.11 -4.53 -31.61
CA GLN A 105 16.90 -4.16 -32.82
C GLN A 105 17.05 -5.36 -33.78
N ILE A 106 17.33 -6.51 -33.21
CA ILE A 106 17.53 -7.73 -33.96
C ILE A 106 16.21 -8.18 -34.60
N ASN A 107 15.14 -8.15 -33.80
CA ASN A 107 13.80 -8.52 -34.27
C ASN A 107 12.72 -7.52 -33.86
N PRO A 108 12.50 -6.48 -34.68
CA PRO A 108 11.54 -5.43 -34.23
C PRO A 108 10.08 -5.87 -34.05
N ALA A 109 9.81 -7.15 -34.32
CA ALA A 109 8.50 -7.77 -34.19
C ALA A 109 8.46 -8.75 -33.06
N PHE A 110 9.47 -8.71 -32.19
CA PHE A 110 9.49 -9.59 -31.02
C PHE A 110 8.60 -8.96 -29.91
N ALA A 111 7.40 -9.51 -29.74
CA ALA A 111 6.38 -8.91 -28.84
C ALA A 111 6.82 -8.90 -27.36
N ASP A 112 7.32 -10.02 -26.88
CA ASP A 112 7.80 -10.19 -25.51
C ASP A 112 8.87 -9.18 -25.11
N ALA A 113 9.80 -8.91 -26.01
CA ALA A 113 10.85 -7.93 -25.80
C ALA A 113 10.27 -6.55 -25.62
N HIS A 114 9.23 -6.22 -26.39
CA HIS A 114 8.59 -4.93 -26.28
C HIS A 114 7.84 -4.82 -24.96
N SER A 115 7.18 -5.91 -24.58
CA SER A 115 6.48 -5.96 -23.35
C SER A 115 7.46 -5.89 -22.14
N ASN A 116 8.60 -6.58 -22.21
CA ASN A 116 9.69 -6.48 -21.19
C ASN A 116 10.16 -5.04 -21.08
N LEU A 117 10.36 -4.39 -22.23
CA LEU A 117 10.81 -3.00 -22.20
C LEU A 117 9.72 -2.15 -21.51
N ALA A 118 8.45 -2.46 -21.77
CA ALA A 118 7.40 -1.59 -21.28
C ALA A 118 7.41 -1.67 -19.77
N SER A 119 7.64 -2.87 -19.24
CA SER A 119 7.58 -3.02 -17.84
C SER A 119 8.76 -2.26 -17.21
N ILE A 120 9.90 -2.17 -17.88
CA ILE A 120 11.01 -1.30 -17.35
C ILE A 120 10.53 0.12 -17.25
N HIS A 121 9.86 0.61 -18.28
CA HIS A 121 9.24 1.96 -18.20
C HIS A 121 8.21 2.16 -17.13
N LYS A 122 7.34 1.17 -16.91
CA LYS A 122 6.32 1.28 -15.88
C LYS A 122 7.02 1.41 -14.52
N ASP A 123 8.07 0.63 -14.28
CA ASP A 123 8.78 0.62 -12.99
C ASP A 123 9.40 1.95 -12.66
N SER A 124 9.87 2.65 -13.69
CA SER A 124 10.37 3.98 -13.47
C SER A 124 9.26 5.08 -13.48
N GLY A 125 7.99 4.67 -13.49
CA GLY A 125 6.86 5.61 -13.51
C GLY A 125 6.67 6.37 -14.83
N ASN A 126 7.46 6.05 -15.86
CA ASN A 126 7.22 6.59 -17.17
C ASN A 126 6.04 5.81 -17.85
N ILE A 127 4.81 6.07 -17.34
CA ILE A 127 3.59 5.36 -17.73
C ILE A 127 3.24 5.60 -19.20
N PRO A 128 3.38 6.85 -19.73
CA PRO A 128 3.11 6.98 -21.18
C PRO A 128 4.07 6.16 -22.03
N GLU A 129 5.34 6.04 -21.63
CA GLU A 129 6.23 5.25 -22.48
C GLU A 129 5.92 3.75 -22.30
N ALA A 130 5.52 3.37 -21.10
CA ALA A 130 5.11 1.97 -20.88
C ALA A 130 3.87 1.61 -21.71
N ILE A 131 2.90 2.53 -21.75
CA ILE A 131 1.62 2.34 -22.46
C ILE A 131 1.97 2.10 -23.93
N ALA A 132 2.77 3.00 -24.50
CA ALA A 132 3.12 2.89 -25.92
C ALA A 132 3.82 1.57 -26.24
N SER A 133 4.67 1.03 -25.34
CA SER A 133 5.41 -0.20 -25.67
C SER A 133 4.50 -1.42 -25.50
N TYR A 134 3.56 -1.37 -24.54
CA TYR A 134 2.61 -2.50 -24.35
C TYR A 134 1.68 -2.51 -25.59
N ARG A 135 1.48 -1.36 -26.23
CA ARG A 135 0.57 -1.31 -27.40
C ARG A 135 1.27 -1.96 -28.58
N THR A 136 2.54 -1.60 -28.81
CA THR A 136 3.39 -2.29 -29.79
C THR A 136 3.38 -3.84 -29.56
N ALA A 137 3.57 -4.29 -28.35
CA ALA A 137 3.49 -5.72 -28.06
C ALA A 137 2.15 -6.31 -28.45
N LEU A 138 1.05 -5.61 -28.13
CA LEU A 138 -0.30 -6.03 -28.48
C LEU A 138 -0.65 -6.01 -30.00
N LYS A 139 -0.15 -5.00 -30.71
CA LYS A 139 -0.15 -4.97 -32.17
C LYS A 139 0.51 -6.23 -32.75
N LEU A 140 1.67 -6.63 -32.20
CA LEU A 140 2.43 -7.72 -32.78
C LEU A 140 1.88 -9.06 -32.39
N LYS A 141 1.26 -9.14 -31.22
CA LYS A 141 0.74 -10.40 -30.71
C LYS A 141 -0.58 -10.08 -29.94
N PRO A 142 -1.73 -10.05 -30.67
CA PRO A 142 -3.00 -9.61 -30.07
C PRO A 142 -3.49 -10.49 -28.97
N ASP A 143 -3.09 -11.77 -28.96
CA ASP A 143 -3.40 -12.68 -27.85
C ASP A 143 -2.15 -12.80 -26.95
N PHE A 144 -2.04 -11.83 -26.04
CA PHE A 144 -0.90 -11.74 -25.13
C PHE A 144 -1.43 -11.27 -23.77
N PRO A 145 -1.89 -12.20 -22.90
CA PRO A 145 -2.52 -11.84 -21.59
C PRO A 145 -1.68 -10.95 -20.62
N ASP A 146 -0.44 -11.36 -20.31
CA ASP A 146 0.47 -10.61 -19.47
C ASP A 146 0.59 -9.19 -20.02
N ALA A 147 0.74 -9.04 -21.34
CA ALA A 147 0.82 -7.67 -21.82
C ALA A 147 -0.51 -6.87 -21.66
N TYR A 148 -1.65 -7.54 -21.85
CA TYR A 148 -2.94 -6.81 -21.84
C TYR A 148 -3.27 -6.34 -20.42
N CYS A 149 -3.15 -7.27 -19.48
CA CYS A 149 -3.31 -7.05 -18.05
C CYS A 149 -2.36 -6.00 -17.48
N ASN A 150 -1.09 -6.03 -17.89
CA ASN A 150 -0.18 -4.94 -17.46
C ASN A 150 -0.52 -3.58 -18.04
N LEU A 151 -0.92 -3.58 -19.32
CA LEU A 151 -1.46 -2.37 -19.93
C LEU A 151 -2.66 -1.82 -19.14
N ALA A 152 -3.54 -2.73 -18.76
CA ALA A 152 -4.74 -2.42 -18.00
C ALA A 152 -4.32 -1.77 -16.65
N HIS A 153 -3.24 -2.26 -16.02
CA HIS A 153 -2.82 -1.64 -14.79
C HIS A 153 -2.26 -0.20 -15.08
N CYS A 154 -1.43 -0.04 -16.09
CA CYS A 154 -0.97 1.29 -16.44
C CYS A 154 -2.11 2.24 -16.67
N LEU A 155 -3.17 1.80 -17.38
CA LEU A 155 -4.28 2.70 -17.77
C LEU A 155 -5.03 3.09 -16.50
N GLN A 156 -5.19 2.10 -15.62
CA GLN A 156 -5.72 2.32 -14.29
C GLN A 156 -4.95 3.44 -13.52
N ILE A 157 -3.63 3.37 -13.54
CA ILE A 157 -2.79 4.20 -12.67
C ILE A 157 -3.02 5.63 -13.09
N VAL A 158 -3.16 5.87 -14.41
CA VAL A 158 -3.28 7.25 -14.91
C VAL A 158 -4.78 7.69 -15.15
N CYS A 159 -5.73 6.88 -14.72
CA CYS A 159 -7.20 7.13 -14.93
C CYS A 159 -7.51 7.34 -16.41
N ASP A 160 -6.89 6.51 -17.24
CA ASP A 160 -7.24 6.40 -18.66
C ASP A 160 -8.33 5.37 -18.74
N TRP A 161 -9.52 5.89 -19.01
CA TRP A 161 -10.73 5.08 -19.10
C TRP A 161 -11.28 4.83 -20.55
N THR A 162 -10.46 5.12 -21.57
CA THR A 162 -10.77 4.67 -22.96
C THR A 162 -11.27 3.21 -23.00
N ASP A 163 -12.48 3.02 -23.51
CA ASP A 163 -13.08 1.67 -23.66
C ASP A 163 -13.20 0.87 -22.37
N TYR A 164 -13.43 1.62 -21.28
CA TYR A 164 -13.37 1.06 -19.94
C TYR A 164 -14.11 -0.30 -19.72
N ASP A 165 -15.39 -0.32 -20.12
CA ASP A 165 -16.27 -1.49 -19.89
C ASP A 165 -15.83 -2.74 -20.66
N GLU A 166 -15.39 -2.56 -21.91
CA GLU A 166 -14.79 -3.66 -22.70
C GLU A 166 -13.55 -4.24 -22.00
N ARG A 167 -12.65 -3.31 -21.64
CA ARG A 167 -11.45 -3.66 -20.85
C ARG A 167 -11.79 -4.56 -19.68
N MET A 168 -12.78 -4.13 -18.86
CA MET A 168 -13.15 -4.95 -17.67
C MET A 168 -13.56 -6.37 -18.04
N LYS A 169 -14.48 -6.48 -19.04
CA LYS A 169 -14.93 -7.80 -19.58
C LYS A 169 -13.74 -8.55 -20.15
N LYS A 170 -12.91 -7.82 -20.94
CA LYS A 170 -11.68 -8.47 -21.50
C LYS A 170 -10.78 -9.03 -20.37
N LEU A 171 -10.62 -8.26 -19.27
CA LEU A 171 -9.88 -8.78 -18.10
C LEU A 171 -10.52 -9.99 -17.45
N VAL A 172 -11.83 -9.93 -17.20
CA VAL A 172 -12.54 -11.10 -16.60
C VAL A 172 -12.35 -12.42 -17.42
N SER A 173 -12.43 -12.27 -18.74
CA SER A 173 -12.35 -13.38 -19.68
CA SER A 173 -12.32 -13.39 -19.70
C SER A 173 -10.94 -14.03 -19.65
N ILE A 174 -9.91 -13.18 -19.74
CA ILE A 174 -8.56 -13.67 -19.65
C ILE A 174 -8.41 -14.48 -18.39
N VAL A 175 -8.96 -13.97 -17.28
CA VAL A 175 -8.80 -14.67 -16.01
C VAL A 175 -9.57 -16.00 -16.02
N ALA A 176 -10.78 -15.98 -16.57
CA ALA A 176 -11.57 -17.20 -16.77
C ALA A 176 -10.79 -18.27 -17.61
N ASP A 177 -10.36 -17.92 -18.84
CA ASP A 177 -9.48 -18.74 -19.67
C ASP A 177 -8.33 -19.37 -18.83
N GLN A 178 -7.58 -18.51 -18.14
CA GLN A 178 -6.39 -18.91 -17.44
C GLN A 178 -6.60 -19.87 -16.29
N LEU A 179 -7.70 -19.65 -15.56
CA LEU A 179 -7.95 -20.36 -14.30
C LEU A 179 -8.41 -21.77 -14.56
N GLU A 180 -9.19 -21.89 -15.66
CA GLU A 180 -9.59 -23.16 -16.26
C GLU A 180 -8.31 -23.92 -16.63
N LYS A 181 -7.51 -23.35 -17.53
CA LYS A 181 -6.23 -23.94 -18.01
C LYS A 181 -5.13 -24.16 -16.93
N ASN A 182 -5.44 -23.93 -15.65
CA ASN A 182 -4.49 -24.11 -14.52
C ASN A 182 -3.25 -23.20 -14.45
N ARG A 183 -3.03 -22.38 -15.47
CA ARG A 183 -2.01 -21.34 -15.49
C ARG A 183 -2.19 -20.28 -14.40
N LEU A 184 -1.06 -19.74 -13.97
CA LEU A 184 -0.99 -18.60 -13.07
C LEU A 184 -1.44 -17.36 -13.84
N PRO A 185 -2.49 -16.69 -13.33
CA PRO A 185 -3.10 -15.60 -14.09
C PRO A 185 -2.28 -14.30 -14.18
N SER A 186 -2.58 -13.59 -15.25
CA SER A 186 -1.90 -12.39 -15.68
C SER A 186 -2.35 -11.14 -14.91
N VAL A 187 -3.44 -11.28 -14.13
CA VAL A 187 -3.92 -10.23 -13.19
C VAL A 187 -3.25 -10.52 -11.85
N HIS A 188 -2.54 -9.52 -11.34
CA HIS A 188 -1.85 -9.70 -10.04
C HIS A 188 -2.94 -9.70 -8.96
N PRO A 189 -2.87 -10.60 -7.94
CA PRO A 189 -3.88 -10.63 -6.86
C PRO A 189 -4.08 -9.29 -6.16
N HIS A 190 -3.05 -8.44 -6.13
CA HIS A 190 -3.15 -7.16 -5.44
C HIS A 190 -3.96 -6.23 -6.30
N HIS A 191 -3.87 -6.40 -7.62
CA HIS A 191 -4.69 -5.59 -8.52
C HIS A 191 -6.13 -6.07 -8.74
N SER A 192 -6.40 -7.30 -8.35
CA SER A 192 -7.64 -8.00 -8.61
C SER A 192 -8.87 -7.33 -7.96
N MET A 193 -8.63 -6.62 -6.86
CA MET A 193 -9.67 -5.81 -6.24
C MET A 193 -10.16 -4.65 -7.09
N LEU A 194 -9.43 -4.27 -8.15
CA LEU A 194 -9.86 -3.07 -8.94
C LEU A 194 -10.82 -3.39 -10.07
N TYR A 195 -11.05 -4.68 -10.28
CA TYR A 195 -11.68 -5.18 -11.52
C TYR A 195 -12.88 -6.00 -11.10
N PRO A 196 -13.96 -5.94 -11.88
CA PRO A 196 -15.16 -6.57 -11.40
C PRO A 196 -15.14 -8.08 -11.65
N LEU A 197 -14.21 -8.75 -10.99
CA LEU A 197 -14.13 -10.20 -10.93
C LEU A 197 -15.04 -10.72 -9.83
N SER A 198 -15.45 -11.98 -9.93
CA SER A 198 -16.16 -12.62 -8.84
C SER A 198 -15.19 -12.87 -7.67
N HIS A 199 -15.72 -13.07 -6.47
CA HIS A 199 -14.95 -13.46 -5.29
C HIS A 199 -14.24 -14.77 -5.49
N GLY A 200 -14.89 -15.72 -6.18
CA GLY A 200 -14.28 -17.01 -6.51
C GLY A 200 -13.06 -16.83 -7.40
N PHE A 201 -13.16 -15.90 -8.35
CA PHE A 201 -12.01 -15.55 -9.22
C PHE A 201 -10.84 -14.93 -8.45
N ARG A 202 -11.14 -13.88 -7.70
CA ARG A 202 -10.16 -13.27 -6.78
C ARG A 202 -9.51 -14.28 -5.88
N LYS A 203 -10.31 -15.09 -5.19
CA LYS A 203 -9.73 -16.07 -4.30
C LYS A 203 -8.83 -17.01 -5.07
N ALA A 204 -9.19 -17.27 -6.33
CA ALA A 204 -8.48 -18.35 -7.04
C ALA A 204 -7.18 -17.80 -7.60
N ILE A 205 -7.25 -16.54 -8.07
CA ILE A 205 -6.02 -15.81 -8.41
C ILE A 205 -5.13 -15.90 -7.18
N ALA A 206 -5.63 -15.55 -5.99
CA ALA A 206 -4.69 -15.57 -4.86
C ALA A 206 -4.14 -16.96 -4.64
N GLU A 207 -5.01 -17.99 -4.52
CA GLU A 207 -4.59 -19.40 -4.48
CA GLU A 207 -4.55 -19.40 -4.45
C GLU A 207 -3.43 -19.72 -5.46
N ARG A 208 -3.55 -19.29 -6.71
CA ARG A 208 -2.48 -19.64 -7.66
C ARG A 208 -1.10 -19.12 -7.18
N HIS A 209 -1.06 -17.86 -6.71
CA HIS A 209 0.23 -17.24 -6.32
C HIS A 209 0.77 -17.98 -5.10
N GLY A 210 -0.11 -18.28 -4.15
CA GLY A 210 0.21 -19.19 -3.05
C GLY A 210 0.73 -20.57 -3.44
N ASN A 211 0.24 -21.10 -4.56
CA ASN A 211 0.71 -22.39 -5.14
C ASN A 211 2.14 -22.35 -5.64
N LEU A 212 2.46 -21.30 -6.39
CA LEU A 212 3.81 -21.08 -6.84
C LEU A 212 4.84 -20.97 -5.68
N CYS A 213 4.37 -20.61 -4.47
CA CYS A 213 5.28 -20.53 -3.32
C CYS A 213 5.59 -21.92 -2.81
N LEU A 214 4.57 -22.77 -2.72
CA LEU A 214 4.80 -24.18 -2.40
C LEU A 214 5.75 -24.84 -3.41
N ASP A 215 5.61 -24.53 -4.70
CA ASP A 215 6.35 -25.25 -5.74
C ASP A 215 7.81 -24.91 -5.71
N LYS A 216 8.11 -23.64 -5.42
CA LYS A 216 9.49 -23.18 -5.28
C LYS A 216 10.19 -23.83 -4.03
N ILE A 217 9.42 -24.19 -2.99
CA ILE A 217 9.99 -24.75 -1.73
C ILE A 217 9.91 -26.27 -1.65
N ASN A 218 8.89 -26.85 -2.28
CA ASN A 218 8.83 -28.32 -2.50
C ASN A 218 10.11 -28.91 -3.09
N VAL A 219 10.73 -28.19 -4.05
CA VAL A 219 12.03 -28.58 -4.66
C VAL A 219 13.26 -28.61 -3.73
N LEU A 220 13.06 -28.34 -2.43
CA LEU A 220 14.13 -28.49 -1.42
C LEU A 220 13.81 -29.67 -0.49
N HIS A 221 12.71 -30.37 -0.81
CA HIS A 221 12.24 -31.65 -0.18
C HIS A 221 12.45 -31.67 1.33
N LYS A 222 12.24 -30.53 1.99
CA LYS A 222 12.39 -30.44 3.44
C LYS A 222 11.29 -31.28 4.13
N PRO A 223 11.61 -31.87 5.31
CA PRO A 223 10.54 -32.55 6.08
C PRO A 223 9.55 -31.49 6.56
N PRO A 224 8.38 -31.90 7.11
CA PRO A 224 7.69 -30.86 7.89
C PRO A 224 8.53 -30.48 9.09
N TYR A 225 8.29 -29.28 9.65
CA TYR A 225 8.97 -28.88 10.88
C TYR A 225 8.04 -29.45 11.92
N GLU A 226 8.61 -29.78 13.08
CA GLU A 226 7.74 -30.08 14.20
C GLU A 226 7.71 -28.98 15.26
N HIS A 227 6.49 -28.70 15.65
CA HIS A 227 6.18 -27.48 16.32
C HIS A 227 5.99 -27.75 17.81
N PRO A 228 6.45 -26.82 18.66
CA PRO A 228 6.11 -26.69 20.09
C PRO A 228 4.62 -26.87 20.34
N LYS A 229 4.26 -27.48 21.49
CA LYS A 229 2.84 -27.79 21.80
C LYS A 229 2.40 -27.24 23.18
N ASP A 230 3.39 -26.87 23.98
CA ASP A 230 3.22 -26.19 25.28
C ASP A 230 3.92 -24.79 25.20
N LEU A 231 3.85 -24.03 26.31
CA LEU A 231 4.59 -22.77 26.39
C LEU A 231 5.85 -22.90 27.25
N LYS A 232 6.30 -24.13 27.46
CA LYS A 232 7.28 -24.41 28.52
C LYS A 232 8.70 -24.01 28.20
N LEU A 233 9.16 -24.32 27.00
CA LEU A 233 10.52 -23.93 26.61
C LEU A 233 10.72 -22.40 26.66
N SER A 234 9.63 -21.64 26.53
CA SER A 234 9.69 -20.19 26.48
C SER A 234 9.32 -19.45 27.79
N ASP A 235 9.51 -20.14 28.91
CA ASP A 235 9.11 -19.68 30.26
C ASP A 235 7.71 -19.11 30.30
N GLY A 236 6.82 -19.71 29.56
CA GLY A 236 5.39 -19.36 29.61
C GLY A 236 5.01 -18.22 28.67
N ARG A 237 5.91 -17.87 27.74
CA ARG A 237 5.64 -16.74 26.83
C ARG A 237 5.29 -17.21 25.44
N LEU A 238 4.29 -16.59 24.83
CA LEU A 238 3.96 -16.88 23.43
C LEU A 238 5.00 -16.15 22.60
N ARG A 239 5.66 -16.90 21.72
CA ARG A 239 6.61 -16.33 20.81
C ARG A 239 5.89 -15.91 19.51
N VAL A 240 5.86 -14.59 19.28
CA VAL A 240 5.26 -14.00 18.08
C VAL A 240 6.33 -13.44 17.14
N GLY A 241 6.25 -13.84 15.87
CA GLY A 241 7.22 -13.38 14.86
C GLY A 241 6.55 -12.51 13.81
N TYR A 242 7.00 -11.26 13.65
CA TYR A 242 6.39 -10.37 12.70
C TYR A 242 7.35 -10.30 11.53
N VAL A 243 6.87 -10.63 10.33
CA VAL A 243 7.74 -10.74 9.18
C VAL A 243 7.31 -9.69 8.18
N SER A 244 8.24 -8.87 7.72
CA SER A 244 7.85 -7.74 6.87
C SER A 244 9.02 -7.19 6.13
N SER A 245 8.80 -6.84 4.87
CA SER A 245 9.83 -6.10 4.11
C SER A 245 9.79 -4.58 4.41
N ASP A 246 8.89 -4.14 5.30
CA ASP A 246 8.57 -2.72 5.45
C ASP A 246 8.83 -2.13 6.85
N PHE A 247 9.79 -2.69 7.62
CA PHE A 247 10.35 -2.05 8.84
C PHE A 247 11.37 -1.03 8.30
N GLY A 248 10.92 0.22 8.18
CA GLY A 248 11.58 1.28 7.43
C GLY A 248 10.54 2.35 7.07
N ASN A 249 10.91 3.23 6.14
CA ASN A 249 10.05 4.30 5.74
C ASN A 249 9.09 3.68 4.78
N HIS A 250 7.95 3.24 5.32
CA HIS A 250 6.91 2.57 4.58
C HIS A 250 5.61 2.76 5.40
N PRO A 251 4.45 2.85 4.73
CA PRO A 251 3.11 2.87 5.41
C PRO A 251 2.96 1.82 6.52
N THR A 252 3.44 0.60 6.32
CA THR A 252 3.36 -0.42 7.35
C THR A 252 3.96 0.09 8.67
N SER A 253 5.18 0.64 8.63
CA SER A 253 5.77 1.20 9.88
C SER A 253 5.03 2.42 10.38
N HIS A 254 4.45 3.21 9.46
CA HIS A 254 3.68 4.39 9.88
C HIS A 254 2.40 3.92 10.59
N LEU A 255 2.01 2.66 10.39
CA LEU A 255 0.82 2.11 11.03
C LEU A 255 1.17 1.47 12.35
N MET A 256 2.22 0.61 12.39
CA MET A 256 2.40 -0.32 13.52
C MET A 256 3.70 -0.24 14.26
N GLN A 257 4.52 0.79 14.00
CA GLN A 257 5.88 0.80 14.56
C GLN A 257 5.91 0.78 16.07
N SER A 258 4.83 1.18 16.74
CA SER A 258 4.79 1.16 18.21
C SER A 258 4.41 -0.22 18.75
N ILE A 259 3.81 -1.06 17.92
CA ILE A 259 3.21 -2.31 18.46
C ILE A 259 4.19 -3.30 19.16
N PRO A 260 5.33 -3.65 18.52
CA PRO A 260 6.31 -4.52 19.18
C PRO A 260 6.69 -4.10 20.58
N GLY A 261 6.93 -2.83 20.78
CA GLY A 261 7.43 -2.43 22.09
C GLY A 261 6.34 -2.32 23.12
N MET A 262 5.09 -2.33 22.69
CA MET A 262 3.99 -2.31 23.64
C MET A 262 3.50 -3.73 24.08
N HIS A 263 4.04 -4.78 23.44
CA HIS A 263 3.67 -6.13 23.79
C HIS A 263 4.10 -6.42 25.24
N ASN A 264 3.20 -7.08 26.01
CA ASN A 264 3.46 -7.40 27.42
C ASN A 264 4.63 -8.42 27.54
N PRO A 265 5.83 -7.98 28.00
CA PRO A 265 6.96 -8.92 28.02
C PRO A 265 6.79 -10.11 29.00
N ASP A 266 5.84 -10.04 29.93
CA ASP A 266 5.56 -11.17 30.82
C ASP A 266 4.91 -12.33 30.08
N LYS A 267 4.14 -12.03 29.03
CA LYS A 267 3.38 -13.05 28.29
C LYS A 267 3.80 -13.26 26.84
N PHE A 268 4.60 -12.35 26.29
CA PHE A 268 4.94 -12.43 24.87
C PHE A 268 6.37 -12.13 24.66
N GLU A 269 6.94 -12.76 23.64
CA GLU A 269 8.30 -12.54 23.32
C GLU A 269 8.21 -12.28 21.84
N VAL A 270 8.68 -11.11 21.45
CA VAL A 270 8.45 -10.57 20.10
C VAL A 270 9.71 -10.65 19.26
N PHE A 271 9.54 -11.16 18.04
CA PHE A 271 10.64 -11.38 17.13
C PHE A 271 10.28 -10.65 15.85
N CYS A 272 11.10 -9.69 15.45
CA CYS A 272 10.79 -9.07 14.17
C CYS A 272 11.73 -9.57 13.09
N TYR A 273 11.15 -10.09 12.03
CA TYR A 273 11.91 -10.63 10.86
C TYR A 273 11.88 -9.66 9.68
N ALA A 274 12.96 -8.92 9.47
CA ALA A 274 12.95 -7.96 8.43
C ALA A 274 13.33 -8.68 7.17
N LEU A 275 12.58 -8.45 6.09
CA LEU A 275 12.98 -8.90 4.73
C LEU A 275 13.74 -7.80 3.96
N SER A 276 13.98 -6.65 4.57
CA SER A 276 14.66 -5.58 3.79
C SER A 276 15.88 -5.15 4.57
N PRO A 277 16.95 -4.71 3.89
CA PRO A 277 18.03 -4.13 4.65
C PRO A 277 17.60 -2.81 5.37
N ASP A 278 18.36 -2.41 6.36
CA ASP A 278 18.25 -1.17 7.13
C ASP A 278 18.32 0.08 6.24
N ASP A 279 17.29 0.94 6.27
CA ASP A 279 17.31 2.05 5.27
C ASP A 279 17.82 3.30 5.96
N GLY A 280 18.30 3.19 7.18
CA GLY A 280 18.81 4.38 7.85
C GLY A 280 17.70 5.19 8.54
N THR A 281 16.41 4.84 8.44
CA THR A 281 15.35 5.77 9.04
C THR A 281 15.03 5.50 10.51
N ASN A 282 14.51 6.49 11.27
CA ASN A 282 14.09 6.23 12.64
C ASN A 282 12.98 5.15 12.76
N PHE A 283 12.22 4.89 11.69
CA PHE A 283 11.23 3.80 11.78
C PHE A 283 11.89 2.45 12.07
N ARG A 284 12.91 2.14 11.30
CA ARG A 284 13.71 0.90 11.42
C ARG A 284 14.41 0.91 12.78
N VAL A 285 14.96 2.06 13.18
CA VAL A 285 15.61 2.18 14.47
C VAL A 285 14.69 1.78 15.61
N LYS A 286 13.45 2.27 15.58
CA LYS A 286 12.51 2.05 16.65
C LYS A 286 12.12 0.54 16.76
N VAL A 287 11.87 -0.10 15.62
CA VAL A 287 11.42 -1.49 15.68
C VAL A 287 12.62 -2.35 16.09
N MET A 288 13.81 -1.91 15.72
CA MET A 288 15.02 -2.65 16.11
C MET A 288 15.26 -2.57 17.59
N ALA A 289 15.03 -1.40 18.15
CA ALA A 289 15.33 -1.14 19.54
C ALA A 289 14.29 -1.78 20.41
N GLU A 290 13.03 -1.81 19.96
CA GLU A 290 11.95 -2.17 20.87
C GLU A 290 11.51 -3.64 20.77
N ALA A 291 11.79 -4.31 19.65
CA ALA A 291 11.46 -5.74 19.53
C ALA A 291 12.36 -6.50 20.55
N ASN A 292 11.87 -7.58 21.17
CA ASN A 292 12.80 -8.41 21.99
C ASN A 292 13.96 -8.91 21.10
N HIS A 293 13.67 -9.27 19.85
CA HIS A 293 14.70 -9.74 18.92
C HIS A 293 14.41 -9.21 17.55
N PHE A 294 15.48 -8.79 16.86
CA PHE A 294 15.35 -8.33 15.52
C PHE A 294 16.29 -9.09 14.56
N ILE A 295 15.73 -9.66 13.50
CA ILE A 295 16.52 -10.54 12.67
C ILE A 295 16.42 -10.07 11.28
N ASP A 296 17.56 -9.86 10.65
CA ASP A 296 17.61 -9.32 9.30
C ASP A 296 17.69 -10.44 8.28
N LEU A 297 16.54 -10.93 7.85
CA LEU A 297 16.45 -11.97 6.84
C LEU A 297 16.86 -11.48 5.48
N SER A 298 17.15 -10.20 5.34
CA SER A 298 17.57 -9.75 4.03
C SER A 298 19.01 -10.24 3.78
N GLN A 299 19.72 -10.59 4.88
CA GLN A 299 21.09 -11.17 4.90
C GLN A 299 21.14 -12.67 4.58
N ILE A 300 19.99 -13.33 4.65
CA ILE A 300 19.91 -14.77 4.57
C ILE A 300 18.99 -15.11 3.38
N PRO A 301 19.48 -14.93 2.12
CA PRO A 301 18.60 -15.00 0.94
C PRO A 301 17.95 -16.38 0.67
N CYS A 302 18.63 -17.48 1.02
CA CYS A 302 18.03 -18.81 0.98
C CYS A 302 16.86 -19.07 2.00
N ASN A 303 15.74 -19.48 1.42
CA ASN A 303 14.46 -19.55 2.08
C ASN A 303 14.39 -20.68 3.08
N GLY A 304 15.19 -21.71 2.79
CA GLY A 304 15.32 -22.84 3.69
C GLY A 304 16.03 -22.53 4.99
N LYS A 305 17.18 -21.84 4.88
CA LYS A 305 17.92 -21.33 6.04
C LYS A 305 17.04 -20.39 6.90
N ALA A 306 16.47 -19.37 6.23
CA ALA A 306 15.62 -18.37 6.89
C ALA A 306 14.48 -19.01 7.59
N ALA A 307 13.77 -19.93 6.91
CA ALA A 307 12.74 -20.69 7.63
C ALA A 307 13.29 -21.52 8.80
N ASP A 308 14.52 -22.01 8.67
CA ASP A 308 15.15 -22.76 9.75
C ASP A 308 15.34 -21.88 10.97
N ARG A 309 15.91 -20.68 10.75
CA ARG A 309 16.00 -19.73 11.82
C ARG A 309 14.68 -19.50 12.52
N ILE A 310 13.62 -19.35 11.74
CA ILE A 310 12.37 -19.05 12.37
C ILE A 310 12.01 -20.18 13.30
N HIS A 311 12.18 -21.42 12.80
CA HIS A 311 11.82 -22.65 13.54
C HIS A 311 12.54 -22.77 14.88
N GLN A 312 13.84 -22.49 14.85
CA GLN A 312 14.74 -22.61 16.00
C GLN A 312 14.63 -21.42 16.95
N ASP A 313 13.74 -20.47 16.65
CA ASP A 313 13.48 -19.38 17.58
C ASP A 313 12.30 -19.77 18.39
N GLY A 314 11.62 -20.79 17.90
CA GLY A 314 10.54 -21.35 18.64
C GLY A 314 9.24 -20.63 18.41
N ILE A 315 9.08 -19.95 17.26
CA ILE A 315 7.86 -19.18 17.01
C ILE A 315 6.58 -20.01 17.17
N HIS A 316 5.65 -19.56 18.00
CA HIS A 316 4.28 -20.10 18.00
C HIS A 316 3.31 -19.44 16.97
N ILE A 317 3.28 -18.10 16.89
CA ILE A 317 2.54 -17.41 15.83
C ILE A 317 3.48 -16.57 14.92
N LEU A 318 3.54 -16.93 13.62
CA LEU A 318 4.24 -16.15 12.63
C LEU A 318 3.26 -15.25 11.86
N VAL A 319 3.62 -13.96 11.73
CA VAL A 319 2.68 -13.00 11.17
C VAL A 319 3.20 -12.52 9.84
N ASN A 320 2.39 -12.71 8.81
CA ASN A 320 2.72 -12.28 7.46
C ASN A 320 2.16 -10.87 7.17
N MET A 321 3.06 -9.91 7.08
CA MET A 321 2.69 -8.48 6.92
C MET A 321 2.75 -8.03 5.50
N ASN A 322 3.19 -8.89 4.62
CA ASN A 322 3.28 -8.56 3.20
C ASN A 322 2.12 -8.99 2.28
N GLY A 323 1.64 -10.24 2.45
CA GLY A 323 0.90 -10.92 1.38
C GLY A 323 1.60 -10.77 0.03
N TYR A 324 0.83 -10.44 -0.99
CA TYR A 324 1.33 -10.26 -2.37
C TYR A 324 1.67 -8.78 -2.58
N THR A 325 2.68 -8.28 -1.82
CA THR A 325 3.20 -6.86 -2.01
C THR A 325 4.69 -6.92 -2.19
N LYS A 326 5.26 -5.83 -2.69
CA LYS A 326 6.66 -5.73 -2.91
C LYS A 326 7.53 -6.18 -1.72
N GLY A 327 8.48 -7.03 -2.02
CA GLY A 327 9.42 -7.48 -1.02
C GLY A 327 8.92 -8.74 -0.32
N ALA A 328 7.74 -9.26 -0.70
CA ALA A 328 7.24 -10.53 -0.03
C ALA A 328 8.20 -11.68 -0.20
N ARG A 329 8.22 -12.56 0.81
CA ARG A 329 8.85 -13.90 0.72
C ARG A 329 7.92 -14.94 1.34
N ASN A 330 6.80 -15.18 0.67
CA ASN A 330 5.82 -16.08 1.21
C ASN A 330 6.28 -17.57 1.21
N GLU A 331 7.34 -17.85 0.46
CA GLU A 331 8.11 -19.09 0.56
C GLU A 331 8.41 -19.48 2.00
N LEU A 332 8.65 -18.50 2.86
CA LEU A 332 8.90 -18.79 4.23
C LEU A 332 7.66 -19.29 4.89
N PHE A 333 6.48 -18.78 4.52
CA PHE A 333 5.24 -19.27 5.19
C PHE A 333 4.83 -20.66 4.67
N ALA A 334 5.19 -20.92 3.41
CA ALA A 334 4.92 -22.19 2.70
C ALA A 334 5.62 -23.32 3.42
N LEU A 335 6.82 -23.05 3.91
CA LEU A 335 7.56 -23.97 4.73
C LEU A 335 6.95 -24.35 6.10
N ARG A 336 5.82 -23.73 6.45
CA ARG A 336 5.24 -23.86 7.81
C ARG A 336 6.21 -23.92 9.02
N PRO A 337 7.15 -22.94 9.17
CA PRO A 337 8.05 -22.99 10.33
C PRO A 337 7.33 -22.81 11.64
N ALA A 338 6.05 -22.49 11.60
CA ALA A 338 5.33 -22.26 12.86
C ALA A 338 3.96 -22.87 12.78
N PRO A 339 3.38 -23.20 13.95
CA PRO A 339 2.07 -23.83 14.00
C PRO A 339 0.85 -22.95 13.71
N ILE A 340 0.92 -21.65 14.08
CA ILE A 340 -0.14 -20.73 13.70
C ILE A 340 0.47 -19.63 12.86
N GLN A 341 -0.18 -19.37 11.72
CA GLN A 341 0.33 -18.46 10.69
C GLN A 341 -0.83 -17.62 10.23
N ALA A 342 -0.71 -16.29 10.46
CA ALA A 342 -1.80 -15.30 10.26
C ALA A 342 -1.34 -14.13 9.39
N MET A 343 -2.22 -13.70 8.51
CA MET A 343 -2.09 -12.54 7.72
C MET A 343 -2.48 -11.38 8.61
N TRP A 344 -1.66 -10.31 8.63
CA TRP A 344 -2.02 -9.17 9.48
C TRP A 344 -2.27 -7.85 8.89
N LEU A 345 -1.38 -7.12 8.28
CA LEU A 345 -2.09 -5.75 8.07
C LEU A 345 -1.73 -5.05 6.80
N GLY A 346 -0.62 -5.53 6.24
CA GLY A 346 -0.01 -5.03 5.04
C GLY A 346 -0.74 -5.38 3.77
N TYR A 347 -1.57 -6.42 3.82
CA TYR A 347 -2.19 -6.95 2.59
C TYR A 347 -3.71 -7.03 2.63
N PRO A 348 -4.38 -6.12 1.94
CA PRO A 348 -5.82 -6.03 2.05
C PRO A 348 -6.58 -7.09 1.20
N GLY A 349 -6.35 -8.36 1.47
CA GLY A 349 -7.09 -9.42 0.75
C GLY A 349 -6.67 -10.77 1.27
N THR A 350 -7.23 -11.85 0.71
CA THR A 350 -6.92 -13.27 1.10
C THR A 350 -5.60 -13.75 0.47
N SER A 351 -4.87 -14.66 1.12
CA SER A 351 -3.66 -15.24 0.48
C SER A 351 -4.05 -16.30 -0.51
N GLY A 352 -5.26 -16.84 -0.31
CA GLY A 352 -5.77 -18.01 -1.03
C GLY A 352 -4.97 -19.27 -0.74
N ALA A 353 -4.05 -19.18 0.21
CA ALA A 353 -2.99 -20.16 0.38
C ALA A 353 -3.30 -21.00 1.59
N LEU A 354 -3.19 -22.31 1.40
CA LEU A 354 -3.60 -23.26 2.41
C LEU A 354 -2.70 -23.08 3.65
N PHE A 355 -1.47 -22.58 3.43
CA PHE A 355 -0.48 -22.42 4.51
C PHE A 355 -0.70 -21.24 5.51
N MET A 356 -1.70 -20.39 5.24
CA MET A 356 -2.02 -19.30 6.12
C MET A 356 -3.30 -19.68 6.83
N ASP A 357 -3.25 -19.78 8.15
CA ASP A 357 -4.44 -20.15 8.98
C ASP A 357 -5.51 -19.08 9.17
N TYR A 358 -5.04 -17.87 9.49
CA TYR A 358 -5.94 -16.80 9.83
C TYR A 358 -5.68 -15.54 9.06
N ILE A 359 -6.71 -14.70 8.96
CA ILE A 359 -6.56 -13.35 8.61
C ILE A 359 -7.06 -12.50 9.80
N ILE A 360 -6.18 -11.66 10.35
CA ILE A 360 -6.61 -10.78 11.41
C ILE A 360 -7.47 -9.67 10.78
N THR A 361 -8.74 -9.59 11.14
CA THR A 361 -9.63 -8.66 10.45
C THR A 361 -10.61 -8.24 11.48
N ASP A 362 -11.78 -7.77 11.03
CA ASP A 362 -12.93 -7.50 11.91
C ASP A 362 -14.33 -7.70 11.26
N GLN A 363 -15.36 -7.61 12.12
CA GLN A 363 -16.76 -7.82 11.78
C GLN A 363 -17.21 -6.94 10.66
N GLU A 364 -16.88 -5.64 10.72
CA GLU A 364 -17.28 -4.63 9.69
C GLU A 364 -16.59 -4.78 8.36
N THR A 365 -15.32 -5.17 8.42
CA THR A 365 -14.45 -5.35 7.27
C THR A 365 -14.80 -6.67 6.62
N SER A 366 -14.82 -7.74 7.43
CA SER A 366 -15.02 -9.09 6.88
C SER A 366 -16.20 -9.83 7.58
N PRO A 367 -17.49 -9.40 7.31
CA PRO A 367 -18.64 -10.00 8.04
C PRO A 367 -18.77 -11.50 7.74
N ALA A 368 -19.22 -12.27 8.73
CA ALA A 368 -19.14 -13.76 8.70
C ALA A 368 -19.88 -14.35 7.47
N GLU A 369 -20.94 -13.66 7.00
CA GLU A 369 -21.54 -13.92 5.66
C GLU A 369 -20.55 -14.24 4.55
N VAL A 370 -19.51 -13.42 4.43
CA VAL A 370 -18.55 -13.55 3.30
C VAL A 370 -17.26 -14.34 3.63
N ALA A 371 -17.27 -15.20 4.66
CA ALA A 371 -16.11 -16.09 4.96
C ALA A 371 -15.48 -16.81 3.73
N GLU A 372 -16.24 -16.79 2.62
CA GLU A 372 -15.90 -17.51 1.38
C GLU A 372 -15.01 -16.77 0.45
N GLN A 373 -15.11 -15.43 0.44
CA GLN A 373 -14.05 -14.59 -0.13
C GLN A 373 -12.66 -15.10 0.35
N TYR A 374 -12.57 -15.63 1.59
CA TYR A 374 -11.28 -15.93 2.25
C TYR A 374 -11.00 -17.40 2.34
N SER A 375 -9.79 -17.74 1.98
CA SER A 375 -9.28 -19.05 2.22
C SER A 375 -8.89 -19.29 3.69
N GLU A 376 -8.54 -18.23 4.42
CA GLU A 376 -8.11 -18.35 5.82
C GLU A 376 -9.35 -18.33 6.67
N LYS A 377 -9.18 -18.72 7.93
CA LYS A 377 -10.20 -18.45 8.97
C LYS A 377 -10.17 -16.98 9.42
N LEU A 378 -11.34 -16.43 9.71
CA LEU A 378 -11.46 -15.08 10.18
C LEU A 378 -11.13 -15.05 11.66
N ALA A 379 -10.22 -14.12 12.02
CA ALA A 379 -9.83 -13.84 13.41
C ALA A 379 -10.09 -12.36 13.60
N TYR A 380 -11.04 -12.06 14.48
CA TYR A 380 -11.51 -10.72 14.73
C TYR A 380 -10.87 -10.00 15.89
N MET A 381 -10.43 -8.79 15.60
CA MET A 381 -10.11 -7.77 16.57
C MET A 381 -11.45 -7.19 16.95
N PRO A 382 -11.60 -6.69 18.19
CA PRO A 382 -12.97 -6.27 18.52
C PRO A 382 -13.50 -5.01 17.87
N HIS A 383 -12.63 -4.06 17.48
CA HIS A 383 -13.12 -2.81 16.84
C HIS A 383 -12.82 -2.70 15.35
N THR A 384 -11.62 -2.27 14.96
CA THR A 384 -11.16 -2.46 13.57
C THR A 384 -9.85 -3.16 13.67
N PHE A 385 -9.46 -3.93 12.65
CA PHE A 385 -8.13 -4.51 12.66
C PHE A 385 -7.10 -3.40 12.27
N PHE A 386 -7.58 -2.30 11.71
CA PHE A 386 -6.73 -1.18 11.36
C PHE A 386 -6.23 -0.45 12.61
N ILE A 387 -4.97 -0.05 12.52
CA ILE A 387 -4.35 0.77 13.56
C ILE A 387 -3.43 1.82 12.86
N GLY A 388 -3.03 2.89 13.56
CA GLY A 388 -2.22 4.01 12.98
C GLY A 388 -1.29 4.47 14.07
N ASP A 389 -0.08 4.88 13.70
CA ASP A 389 0.83 5.40 14.76
C ASP A 389 0.70 6.96 14.92
N HIS A 390 -0.39 7.55 14.41
CA HIS A 390 -0.59 9.01 14.40
C HIS A 390 -0.36 9.73 15.68
N ALA A 391 -0.82 9.10 16.77
CA ALA A 391 -0.73 9.78 18.11
C ALA A 391 0.71 9.99 18.54
N ASN A 392 1.53 9.02 18.18
CA ASN A 392 2.95 9.05 18.46
C ASN A 392 3.70 9.88 17.39
N MET A 393 3.32 9.77 16.10
CA MET A 393 4.10 10.44 15.05
C MET A 393 3.78 11.93 14.89
N PHE A 394 2.51 12.27 15.11
CA PHE A 394 2.01 13.56 14.86
C PHE A 394 1.25 14.16 16.08
N PRO A 395 1.89 14.20 17.30
CA PRO A 395 1.14 14.72 18.45
C PRO A 395 0.91 16.26 18.37
N HIS A 396 1.68 16.95 17.52
CA HIS A 396 1.51 18.35 17.31
C HIS A 396 0.15 18.63 16.64
N LEU A 397 -0.59 17.57 16.24
CA LEU A 397 -1.89 17.75 15.51
C LEU A 397 -3.01 17.49 16.45
N LYS A 398 -2.68 17.24 17.71
CA LYS A 398 -3.74 16.96 18.68
C LYS A 398 -4.61 18.18 18.95
N LYS A 399 -4.00 19.36 18.96
CA LYS A 399 -4.66 20.60 19.20
C LYS A 399 -4.34 21.54 18.01
N LYS A 400 -5.14 22.58 17.77
CA LYS A 400 -4.75 23.60 16.81
C LYS A 400 -5.28 24.93 17.23
N ALA A 401 -4.77 25.99 16.61
CA ALA A 401 -5.35 27.32 16.71
C ALA A 401 -5.66 27.82 15.30
N VAL A 402 -6.56 28.82 15.21
CA VAL A 402 -6.86 29.55 13.97
C VAL A 402 -6.56 31.06 14.01
N ILE A 403 -6.29 31.63 12.85
CA ILE A 403 -6.32 33.05 12.68
C ILE A 403 -7.64 33.46 11.95
N ASP A 404 -8.30 34.49 12.50
CA ASP A 404 -9.52 35.13 11.92
C ASP A 404 -9.21 36.43 11.11
N PHE A 405 -9.26 36.31 9.77
CA PHE A 405 -8.90 37.40 8.81
C PHE A 405 -10.07 38.22 8.22
N HIS A 410 -18.83 34.38 11.28
CA HIS A 410 -17.49 34.89 11.25
C HIS A 410 -16.29 33.89 11.32
N ILE A 411 -16.41 32.74 12.03
CA ILE A 411 -15.19 31.91 12.32
C ILE A 411 -15.05 30.51 11.71
N TYR A 412 -13.99 30.36 10.91
CA TYR A 412 -13.68 29.10 10.22
C TYR A 412 -12.67 28.27 10.99
N ASP A 413 -12.87 26.94 11.09
CA ASP A 413 -11.81 26.06 11.67
C ASP A 413 -10.65 25.61 10.70
N ASN A 414 -10.67 26.04 9.42
CA ASN A 414 -9.89 25.32 8.36
C ASN A 414 -9.36 26.14 7.22
N ARG A 415 -9.07 27.41 7.52
CA ARG A 415 -8.52 28.37 6.56
C ARG A 415 -7.08 28.79 6.83
N ILE A 416 -6.79 29.07 8.09
CA ILE A 416 -5.46 29.45 8.52
C ILE A 416 -5.31 28.74 9.85
N VAL A 417 -4.37 27.79 9.88
CA VAL A 417 -4.23 26.89 11.01
C VAL A 417 -2.82 26.93 11.58
N LEU A 418 -2.73 26.81 12.88
CA LEU A 418 -1.43 26.69 13.51
C LEU A 418 -1.51 25.46 14.35
N ASN A 419 -0.40 24.71 14.37
CA ASN A 419 -0.18 23.52 15.22
C ASN A 419 1.23 23.55 15.77
N GLY A 420 1.43 23.10 17.01
CA GLY A 420 2.79 23.02 17.50
C GLY A 420 2.80 22.51 18.92
N ILE A 421 3.83 21.72 19.27
CA ILE A 421 4.03 21.22 20.64
C ILE A 421 3.95 22.36 21.63
N ASP A 422 4.55 23.51 21.28
CA ASP A 422 4.53 24.68 22.12
C ASP A 422 3.49 25.73 21.78
N LEU A 423 2.39 25.32 21.12
CA LEU A 423 1.36 26.27 20.69
C LEU A 423 0.73 27.02 21.88
N LYS A 424 0.44 26.32 22.96
CA LYS A 424 -0.22 26.87 24.12
C LYS A 424 0.55 28.05 24.72
N ALA A 425 1.86 27.90 24.88
CA ALA A 425 2.68 28.98 25.38
C ALA A 425 2.83 30.12 24.40
N PHE A 426 2.83 29.83 23.11
CA PHE A 426 2.76 30.91 22.12
C PHE A 426 1.45 31.77 22.26
N LEU A 427 0.32 31.08 22.32
CA LEU A 427 -0.97 31.68 22.49
C LEU A 427 -0.95 32.55 23.75
N ASP A 428 -0.42 32.02 24.86
CA ASP A 428 -0.34 32.78 26.11
C ASP A 428 0.50 34.06 26.04
N SER A 429 1.46 34.14 25.12
CA SER A 429 2.23 35.35 24.93
C SER A 429 1.45 36.45 24.12
N LEU A 430 0.25 36.16 23.65
CA LEU A 430 -0.50 37.10 22.83
C LEU A 430 -1.47 38.01 23.62
N PRO A 431 -1.58 39.31 23.22
CA PRO A 431 -2.38 40.22 24.04
C PRO A 431 -3.83 39.72 24.03
N ASP A 432 -4.36 39.32 22.86
CA ASP A 432 -5.78 38.94 22.81
C ASP A 432 -5.93 37.64 22.07
N VAL A 433 -6.58 36.65 22.70
CA VAL A 433 -6.99 35.36 22.10
C VAL A 433 -8.36 34.93 22.63
N LYS A 434 -9.30 34.54 21.78
CA LYS A 434 -10.58 33.99 22.31
C LYS A 434 -10.72 32.48 22.12
N ILE A 435 -11.54 31.85 22.95
CA ILE A 435 -11.65 30.41 22.98
C ILE A 435 -13.06 30.17 22.55
N VAL A 436 -13.31 29.21 21.64
CA VAL A 436 -14.69 28.79 21.29
C VAL A 436 -14.97 27.26 21.50
N ASN A 455 -12.27 22.37 22.56
CA ASN A 455 -12.07 23.86 22.46
C ASN A 455 -11.06 24.52 21.44
N MET A 456 -11.45 25.63 20.78
CA MET A 456 -10.56 26.20 19.74
C MET A 456 -10.02 27.65 19.88
N PRO A 457 -8.71 27.80 20.20
CA PRO A 457 -8.17 29.18 20.26
C PRO A 457 -8.22 29.91 18.92
N VAL A 458 -8.67 31.17 18.98
CA VAL A 458 -8.70 32.06 17.82
C VAL A 458 -7.81 33.32 17.98
N ILE A 459 -6.96 33.53 17.00
CA ILE A 459 -6.14 34.72 16.95
C ILE A 459 -6.82 35.77 16.04
N PRO A 460 -7.10 36.97 16.59
CA PRO A 460 -7.64 38.10 15.82
C PRO A 460 -6.58 38.77 14.94
N MET A 461 -7.05 39.42 13.87
CA MET A 461 -6.20 40.17 12.91
C MET A 461 -5.47 41.40 13.48
N ASN A 462 -4.35 41.18 14.12
CA ASN A 462 -3.51 42.25 14.58
C ASN A 462 -2.23 42.21 13.74
N THR A 463 -1.14 42.76 14.29
CA THR A 463 0.15 42.80 13.58
C THR A 463 0.58 41.35 13.37
N ILE A 464 0.55 40.58 14.45
CA ILE A 464 0.91 39.15 14.47
C ILE A 464 0.23 38.41 13.28
N ALA A 465 -1.08 38.39 13.26
CA ALA A 465 -1.79 37.81 12.11
C ALA A 465 -1.40 38.24 10.69
N GLU A 466 -0.76 39.41 10.55
CA GLU A 466 -0.49 39.98 9.22
C GLU A 466 0.93 39.62 8.88
N ALA A 467 1.73 39.50 9.94
CA ALA A 467 3.11 39.07 9.80
C ALA A 467 3.09 37.62 9.29
N VAL A 468 2.15 36.82 9.83
CA VAL A 468 1.94 35.43 9.40
C VAL A 468 1.49 35.37 7.95
N ILE A 469 0.39 36.06 7.64
CA ILE A 469 -0.16 36.08 6.28
C ILE A 469 0.85 36.57 5.28
N GLU A 470 1.70 37.49 5.72
CA GLU A 470 2.73 38.04 4.85
C GLU A 470 3.83 37.03 4.52
N MET A 471 4.26 36.32 5.57
CA MET A 471 5.25 35.22 5.40
C MET A 471 4.82 34.20 4.33
N ILE A 472 3.55 33.81 4.40
CA ILE A 472 2.99 32.90 3.46
C ILE A 472 2.90 33.49 2.03
N ASN A 473 2.32 34.69 1.89
CA ASN A 473 2.18 35.36 0.57
C ASN A 473 3.52 35.51 -0.14
N ARG A 474 4.57 35.80 0.64
CA ARG A 474 5.91 35.92 0.10
C ARG A 474 6.72 34.64 -0.19
N GLY A 475 6.15 33.48 0.18
CA GLY A 475 6.87 32.23 0.25
C GLY A 475 8.11 32.25 1.16
N GLN A 476 8.06 33.00 2.26
CA GLN A 476 9.20 33.03 3.18
C GLN A 476 9.19 31.76 4.11
N ILE A 477 10.31 31.35 4.66
CA ILE A 477 10.41 30.03 5.28
C ILE A 477 9.87 30.05 6.70
N GLN A 478 10.14 31.14 7.42
CA GLN A 478 9.71 31.29 8.81
C GLN A 478 9.95 32.72 9.31
N ILE A 479 9.28 33.04 10.43
CA ILE A 479 9.47 34.28 11.20
C ILE A 479 9.51 33.96 12.70
N THR A 480 9.96 34.93 13.50
CA THR A 480 9.90 34.86 14.95
C THR A 480 8.81 35.79 15.51
N ILE A 481 7.86 35.25 16.25
CA ILE A 481 6.97 36.06 17.02
C ILE A 481 7.17 35.75 18.53
N ASN A 482 7.46 36.79 19.31
CA ASN A 482 7.68 36.73 20.77
C ASN A 482 8.71 35.68 21.20
N GLY A 483 9.73 35.51 20.39
CA GLY A 483 10.70 34.48 20.65
C GLY A 483 10.34 33.08 20.10
N PHE A 484 9.08 32.79 19.78
CA PHE A 484 8.74 31.48 19.14
C PHE A 484 9.01 31.45 17.66
N SER A 485 9.38 30.28 17.09
CA SER A 485 9.40 30.23 15.61
C SER A 485 8.13 29.71 15.02
N ILE A 486 7.71 30.48 14.00
CA ILE A 486 6.51 30.27 13.23
C ILE A 486 6.98 29.94 11.82
N SER A 487 6.66 28.71 11.38
CA SER A 487 7.14 28.05 10.16
C SER A 487 6.02 28.04 9.14
N ASN A 488 6.44 28.23 7.90
CA ASN A 488 5.60 28.01 6.76
C ASN A 488 5.45 26.49 6.60
N GLY A 489 4.24 25.96 6.74
CA GLY A 489 3.96 24.52 6.42
C GLY A 489 4.52 24.00 5.10
N LEU A 490 4.82 24.88 4.12
CA LEU A 490 5.37 24.46 2.82
C LEU A 490 6.86 24.20 2.84
N ALA A 491 7.52 24.58 3.91
CA ALA A 491 8.99 24.63 3.93
C ALA A 491 9.59 23.71 4.96
N THR A 492 8.80 22.74 5.42
CA THR A 492 9.24 21.81 6.48
C THR A 492 10.55 21.07 6.10
N THR A 493 10.78 20.68 4.85
CA THR A 493 12.01 19.89 4.59
C THR A 493 13.25 20.79 4.72
N GLN A 494 13.09 22.12 4.55
CA GLN A 494 14.20 23.07 4.76
C GLN A 494 14.51 23.33 6.22
N ILE A 495 13.50 23.21 7.07
CA ILE A 495 13.67 23.48 8.48
C ILE A 495 14.10 22.20 9.17
N ASN A 496 13.39 21.08 8.95
CA ASN A 496 13.77 19.87 9.64
C ASN A 496 13.29 18.70 8.79
N ASN A 497 14.21 18.08 8.02
CA ASN A 497 13.83 17.10 7.00
C ASN A 497 13.29 15.78 7.68
N LYS A 498 13.81 15.41 8.86
CA LYS A 498 13.25 14.33 9.69
C LYS A 498 11.80 14.57 10.22
N ALA A 499 11.47 15.83 10.50
CA ALA A 499 10.08 16.16 10.87
C ALA A 499 9.19 16.00 9.64
N ALA A 500 9.70 16.35 8.46
CA ALA A 500 8.87 16.22 7.22
C ALA A 500 8.44 14.81 6.91
N THR A 501 9.29 13.81 7.17
CA THR A 501 8.96 12.42 6.83
C THR A 501 8.18 11.73 7.94
N GLY A 502 8.00 12.41 9.07
CA GLY A 502 7.39 11.84 10.27
C GLY A 502 8.39 11.06 11.18
N GLU A 503 9.68 11.08 10.87
CA GLU A 503 10.63 10.43 11.77
C GLU A 503 10.92 11.19 13.03
N GLU A 504 10.56 12.49 13.10
CA GLU A 504 10.72 13.32 14.33
C GLU A 504 9.47 14.12 14.46
N VAL A 505 9.09 14.52 15.67
CA VAL A 505 7.98 15.48 15.83
C VAL A 505 8.59 16.93 15.52
N PRO A 506 7.89 17.78 14.74
CA PRO A 506 8.42 19.16 14.54
C PRO A 506 8.62 19.93 15.82
N ARG A 507 9.65 20.76 15.87
CA ARG A 507 9.91 21.52 17.12
C ARG A 507 9.58 23.01 16.92
N THR A 508 8.91 23.37 15.83
CA THR A 508 8.44 24.78 15.63
C THR A 508 6.91 24.73 15.52
N ILE A 509 6.31 25.91 15.49
CA ILE A 509 4.88 26.09 15.32
C ILE A 509 4.65 26.21 13.82
N ILE A 510 3.79 25.37 13.27
CA ILE A 510 3.67 25.38 11.79
C ILE A 510 2.34 26.02 11.38
N VAL A 511 2.35 26.75 10.27
CA VAL A 511 1.20 27.46 9.79
C VAL A 511 0.82 26.82 8.49
N THR A 512 -0.45 26.52 8.40
CA THR A 512 -1.03 25.83 7.26
C THR A 512 -2.22 26.66 6.74
N THR A 513 -2.30 26.91 5.44
CA THR A 513 -3.45 27.75 5.02
C THR A 513 -4.00 27.32 3.72
N ARG A 514 -5.26 27.66 3.49
CA ARG A 514 -5.85 27.36 2.19
C ARG A 514 -5.19 28.05 1.02
N SER A 515 -4.64 29.25 1.19
CA SER A 515 -4.01 29.87 0.05
C SER A 515 -2.68 29.16 -0.37
N GLN A 516 -2.00 28.45 0.55
CA GLN A 516 -0.83 27.64 0.19
C GLN A 516 -1.20 26.59 -0.86
N TYR A 517 -2.48 26.17 -0.91
CA TYR A 517 -2.86 25.15 -1.88
C TYR A 517 -3.79 25.66 -2.98
N GLY A 518 -3.90 26.99 -3.13
CA GLY A 518 -4.92 27.56 -4.03
C GLY A 518 -6.36 27.14 -3.71
N LEU A 519 -6.69 26.94 -2.44
CA LEU A 519 -8.05 26.47 -2.18
C LEU A 519 -8.93 27.65 -1.83
N PRO A 520 -10.23 27.56 -2.10
CA PRO A 520 -11.00 28.81 -1.88
C PRO A 520 -11.29 29.09 -0.38
N GLU A 521 -11.07 30.34 0.05
CA GLU A 521 -11.43 30.83 1.38
C GLU A 521 -12.92 30.78 1.68
N ASP A 522 -13.76 30.80 0.63
CA ASP A 522 -15.22 31.07 0.83
C ASP A 522 -16.13 29.93 0.34
N ALA A 523 -15.62 28.70 0.33
CA ALA A 523 -16.39 27.56 -0.21
C ALA A 523 -15.92 26.29 0.46
N ILE A 524 -16.77 25.28 0.45
CA ILE A 524 -16.49 23.91 0.82
C ILE A 524 -15.34 23.29 0.04
N VAL A 525 -14.37 22.71 0.77
CA VAL A 525 -13.32 21.84 0.22
C VAL A 525 -13.65 20.36 0.51
N TYR A 526 -14.01 19.59 -0.52
CA TYR A 526 -14.01 18.11 -0.48
C TYR A 526 -12.60 17.62 -0.92
N CYS A 527 -12.04 16.61 -0.24
CA CYS A 527 -10.68 16.15 -0.57
C CYS A 527 -10.72 14.65 -0.82
N ASN A 528 -9.76 14.17 -1.62
CA ASN A 528 -9.36 12.77 -1.56
C ASN A 528 -7.87 12.70 -1.91
N PHE A 529 -7.10 12.06 -1.04
CA PHE A 529 -5.61 12.10 -1.08
C PHE A 529 -4.93 10.78 -1.49
N ASN A 530 -5.71 9.87 -2.08
CA ASN A 530 -5.27 8.57 -2.46
C ASN A 530 -4.61 8.66 -3.80
N GLN A 531 -3.85 7.63 -4.14
CA GLN A 531 -3.32 7.50 -5.49
C GLN A 531 -4.54 7.46 -6.43
N LEU A 532 -4.40 8.11 -7.58
CA LEU A 532 -5.45 8.21 -8.58
C LEU A 532 -5.99 6.90 -9.06
N TYR A 533 -5.25 5.81 -8.92
CA TYR A 533 -5.66 4.50 -9.49
C TYR A 533 -6.88 3.94 -8.77
N LYS A 534 -7.14 4.46 -7.57
CA LYS A 534 -8.29 4.11 -6.78
C LYS A 534 -9.65 4.65 -7.33
N ILE A 535 -9.62 5.65 -8.19
CA ILE A 535 -10.78 6.28 -8.80
C ILE A 535 -11.20 5.48 -10.05
N ASP A 536 -12.50 5.39 -10.31
CA ASP A 536 -12.97 4.74 -11.55
C ASP A 536 -14.06 5.64 -12.12
N PRO A 537 -14.57 5.34 -13.36
CA PRO A 537 -15.57 6.29 -13.93
C PRO A 537 -16.82 6.52 -13.02
N SER A 538 -17.40 5.48 -12.41
CA SER A 538 -18.55 5.63 -11.47
CA SER A 538 -18.57 5.70 -11.54
C SER A 538 -18.26 6.56 -10.27
N THR A 539 -17.05 6.45 -9.71
CA THR A 539 -16.67 7.23 -8.54
C THR A 539 -16.57 8.67 -9.00
N LEU A 540 -15.91 8.92 -10.15
CA LEU A 540 -15.73 10.32 -10.53
C LEU A 540 -17.17 10.86 -10.85
N GLN A 541 -18.11 9.97 -11.22
CA GLN A 541 -19.44 10.48 -11.66
C GLN A 541 -20.20 10.96 -10.42
N MET A 542 -20.15 10.12 -9.36
CA MET A 542 -20.66 10.45 -8.01
CA MET A 542 -20.64 10.41 -8.00
C MET A 542 -20.05 11.77 -7.52
N TRP A 543 -18.74 11.90 -7.56
CA TRP A 543 -18.19 13.19 -7.13
C TRP A 543 -18.71 14.41 -7.91
N ALA A 544 -18.88 14.18 -9.23
CA ALA A 544 -19.32 15.20 -10.16
C ALA A 544 -20.74 15.63 -9.75
N ASN A 545 -21.59 14.66 -9.47
CA ASN A 545 -22.96 14.86 -9.03
C ASN A 545 -22.97 15.74 -7.78
N ILE A 546 -22.04 15.43 -6.86
CA ILE A 546 -21.97 16.09 -5.55
C ILE A 546 -21.53 17.51 -5.81
N LEU A 547 -20.53 17.71 -6.69
CA LEU A 547 -20.07 19.08 -6.93
C LEU A 547 -21.09 19.97 -7.65
N LYS A 548 -21.99 19.36 -8.44
CA LYS A 548 -23.09 20.09 -9.14
C LYS A 548 -24.20 20.52 -8.15
N ARG A 549 -24.57 19.62 -7.23
CA ARG A 549 -25.39 19.99 -6.03
C ARG A 549 -24.83 21.05 -5.11
N VAL A 550 -23.51 21.25 -5.11
CA VAL A 550 -22.92 22.10 -4.09
C VAL A 550 -22.12 23.22 -4.75
N PRO A 551 -22.81 24.14 -5.44
CA PRO A 551 -22.10 25.03 -6.36
C PRO A 551 -20.89 25.72 -5.74
N ASN A 552 -20.98 25.99 -4.44
CA ASN A 552 -19.94 26.71 -3.79
C ASN A 552 -19.00 25.70 -3.13
N SER A 553 -18.18 24.98 -3.99
CA SER A 553 -17.31 23.86 -3.56
C SER A 553 -16.30 23.40 -4.60
N VAL A 554 -15.19 22.83 -4.12
CA VAL A 554 -14.14 22.26 -4.98
C VAL A 554 -13.76 20.86 -4.44
N LEU A 555 -13.36 19.97 -5.35
CA LEU A 555 -12.70 18.71 -5.07
C LEU A 555 -11.17 18.89 -5.24
N TRP A 556 -10.48 18.49 -4.17
CA TRP A 556 -9.03 18.63 -3.91
C TRP A 556 -8.43 17.22 -4.07
N LEU A 557 -7.64 17.09 -5.14
CA LEU A 557 -6.95 15.83 -5.51
C LEU A 557 -5.46 15.99 -5.62
N LEU A 558 -4.75 14.87 -5.69
CA LEU A 558 -3.28 14.98 -5.79
C LEU A 558 -2.75 14.49 -7.11
N ARG A 559 -1.57 15.03 -7.49
CA ARG A 559 -0.83 14.51 -8.66
C ARG A 559 -0.17 13.19 -8.30
N PHE A 560 -0.92 12.10 -8.34
CA PHE A 560 -0.43 10.82 -7.72
C PHE A 560 -0.71 9.71 -8.73
N PRO A 561 -0.14 9.73 -9.94
CA PRO A 561 0.94 10.62 -10.44
C PRO A 561 0.42 11.79 -11.22
N ALA A 562 1.24 12.83 -11.40
CA ALA A 562 0.81 14.03 -12.15
C ALA A 562 0.22 13.66 -13.55
N VAL A 563 0.74 12.61 -14.20
CA VAL A 563 0.21 12.28 -15.55
C VAL A 563 -1.26 11.83 -15.55
N GLY A 564 -1.80 11.44 -14.40
CA GLY A 564 -3.25 11.22 -14.28
C GLY A 564 -4.13 12.50 -14.29
N GLU A 565 -3.55 13.67 -14.10
CA GLU A 565 -4.33 14.86 -13.87
C GLU A 565 -5.15 15.29 -15.11
N PRO A 566 -4.51 15.45 -16.34
CA PRO A 566 -5.35 15.89 -17.48
C PRO A 566 -6.43 14.87 -17.81
N ASN A 567 -6.21 13.57 -17.59
CA ASN A 567 -7.35 12.62 -17.75
C ASN A 567 -8.58 12.93 -16.86
N ILE A 568 -8.35 13.07 -15.54
CA ILE A 568 -9.40 13.35 -14.60
C ILE A 568 -10.11 14.61 -15.00
N GLN A 569 -9.34 15.68 -15.28
CA GLN A 569 -9.85 16.98 -15.67
C GLN A 569 -10.68 16.88 -16.99
N GLN A 570 -10.16 16.15 -17.99
CA GLN A 570 -10.90 15.87 -19.21
C GLN A 570 -12.19 15.17 -18.93
N TYR A 571 -12.16 14.09 -18.14
CA TYR A 571 -13.42 13.38 -17.82
C TYR A 571 -14.45 14.21 -17.02
N ALA A 572 -13.94 15.08 -16.16
CA ALA A 572 -14.77 15.95 -15.36
C ALA A 572 -15.51 16.92 -16.31
N GLN A 573 -14.77 17.45 -17.30
CA GLN A 573 -15.33 18.43 -18.22
C GLN A 573 -16.38 17.80 -19.13
N ASN A 574 -16.17 16.56 -19.54
CA ASN A 574 -17.21 15.87 -20.30
C ASN A 574 -18.43 15.51 -19.48
N MET A 575 -18.30 15.58 -18.16
CA MET A 575 -19.41 15.40 -17.25
C MET A 575 -20.12 16.75 -16.98
N GLY A 576 -19.64 17.82 -17.61
CA GLY A 576 -20.24 19.15 -17.46
C GLY A 576 -19.84 19.86 -16.17
N LEU A 577 -18.55 19.92 -15.89
CA LEU A 577 -18.06 20.68 -14.76
C LEU A 577 -16.91 21.61 -15.17
N PRO A 578 -16.98 22.92 -14.84
CA PRO A 578 -15.88 23.89 -15.25
C PRO A 578 -14.45 23.51 -14.78
N GLN A 579 -13.38 24.03 -15.40
CA GLN A 579 -11.91 23.76 -15.07
C GLN A 579 -11.49 23.90 -13.60
N ASN A 580 -12.04 24.92 -12.96
CA ASN A 580 -11.70 25.38 -11.62
C ASN A 580 -12.40 24.59 -10.45
N ARG A 581 -13.28 23.64 -10.75
CA ARG A 581 -13.97 22.90 -9.69
C ARG A 581 -13.08 21.78 -9.09
N ILE A 582 -12.06 21.33 -9.82
CA ILE A 582 -11.13 20.31 -9.30
C ILE A 582 -9.78 20.91 -9.13
N ILE A 583 -9.30 20.97 -7.90
CA ILE A 583 -7.95 21.53 -7.65
C ILE A 583 -6.93 20.41 -7.37
N PHE A 584 -5.82 20.39 -8.13
CA PHE A 584 -4.69 19.46 -7.89
C PHE A 584 -3.57 20.09 -7.08
N SER A 585 -3.05 19.30 -6.16
CA SER A 585 -1.77 19.65 -5.53
C SER A 585 -0.76 18.51 -5.77
N PRO A 586 0.52 18.83 -5.63
CA PRO A 586 1.52 17.75 -5.57
C PRO A 586 1.41 16.90 -4.32
N VAL A 587 1.87 15.66 -4.43
CA VAL A 587 2.11 14.79 -3.28
C VAL A 587 3.04 15.53 -2.32
N ALA A 588 2.76 15.43 -1.02
CA ALA A 588 3.58 16.13 -0.06
C ALA A 588 4.39 15.12 0.80
N PRO A 589 5.40 15.63 1.49
CA PRO A 589 6.04 14.83 2.55
C PRO A 589 5.01 14.43 3.56
N LYS A 590 5.23 13.27 4.21
CA LYS A 590 4.31 12.65 5.12
C LYS A 590 3.65 13.64 6.12
N GLU A 591 4.42 14.47 6.82
CA GLU A 591 3.86 15.28 7.90
C GLU A 591 2.93 16.38 7.31
N GLU A 592 3.33 16.96 6.17
CA GLU A 592 2.55 18.05 5.51
C GLU A 592 1.25 17.49 4.97
N HIS A 593 1.35 16.28 4.44
CA HIS A 593 0.17 15.58 3.95
C HIS A 593 -0.88 15.38 5.06
N VAL A 594 -0.43 14.94 6.24
CA VAL A 594 -1.37 14.72 7.34
C VAL A 594 -1.81 16.09 7.88
N ARG A 595 -0.88 17.04 8.10
CA ARG A 595 -1.24 18.36 8.58
C ARG A 595 -2.26 19.06 7.63
N ARG A 596 -2.07 18.96 6.31
CA ARG A 596 -2.92 19.69 5.39
C ARG A 596 -4.34 19.18 5.28
N GLY A 597 -4.58 17.92 5.66
CA GLY A 597 -5.97 17.47 5.68
C GLY A 597 -6.81 18.32 6.60
N GLN A 598 -6.20 19.03 7.55
CA GLN A 598 -7.02 19.99 8.36
C GLN A 598 -7.72 21.12 7.55
N LEU A 599 -7.33 21.35 6.31
CA LEU A 599 -7.82 22.45 5.52
C LEU A 599 -9.10 22.05 4.81
N ALA A 600 -9.33 20.73 4.67
CA ALA A 600 -10.51 20.27 3.99
C ALA A 600 -11.70 20.40 4.88
N ASP A 601 -12.93 20.38 4.31
CA ASP A 601 -14.15 20.14 5.13
C ASP A 601 -14.52 18.65 5.29
N VAL A 602 -14.38 17.90 4.19
CA VAL A 602 -14.93 16.51 4.09
C VAL A 602 -14.02 15.72 3.12
N CYS A 603 -13.82 14.43 3.39
CA CYS A 603 -13.05 13.64 2.53
C CYS A 603 -14.06 12.71 1.89
N LEU A 604 -13.92 12.51 0.58
CA LEU A 604 -14.76 11.61 -0.19
C LEU A 604 -14.00 10.36 -0.46
N ASP A 605 -14.32 9.28 0.23
CA ASP A 605 -13.55 8.04 0.07
C ASP A 605 -13.83 7.37 -1.27
N THR A 606 -12.81 6.68 -1.79
CA THR A 606 -12.92 5.90 -3.00
C THR A 606 -13.58 4.50 -2.70
N PRO A 607 -14.77 4.27 -3.30
CA PRO A 607 -15.48 3.00 -2.95
C PRO A 607 -14.82 1.84 -3.64
N LEU A 608 -14.15 2.07 -4.79
CA LEU A 608 -13.41 0.99 -5.45
C LEU A 608 -12.39 0.27 -4.54
N CYS A 609 -11.45 1.05 -4.03
CA CYS A 609 -10.55 0.55 -2.99
C CYS A 609 -10.43 1.72 -2.09
N ASN A 610 -10.69 1.56 -0.80
CA ASN A 610 -10.71 2.75 0.04
C ASN A 610 -9.29 3.26 0.40
N GLY A 611 -9.22 4.48 0.96
CA GLY A 611 -8.10 4.90 1.81
C GLY A 611 -7.93 3.87 2.93
N HIS A 612 -6.71 3.35 3.09
CA HIS A 612 -6.39 2.59 4.26
C HIS A 612 -5.51 3.44 5.15
N THR A 613 -4.20 3.41 4.95
CA THR A 613 -3.35 4.31 5.64
C THR A 613 -3.89 5.76 5.48
N THR A 614 -4.35 6.06 4.28
CA THR A 614 -4.76 7.45 4.01
C THR A 614 -6.06 7.85 4.65
N GLY A 615 -6.90 6.84 5.00
CA GLY A 615 -8.09 7.07 5.80
C GLY A 615 -7.76 7.47 7.23
N MET A 616 -6.78 6.76 7.84
CA MET A 616 -6.25 7.14 9.16
C MET A 616 -5.65 8.57 9.11
N ASP A 617 -4.94 8.89 8.03
CA ASP A 617 -4.32 10.21 7.88
C ASP A 617 -5.34 11.33 7.95
N VAL A 618 -6.43 11.21 7.21
CA VAL A 618 -7.46 12.20 7.10
C VAL A 618 -8.29 12.36 8.41
N LEU A 619 -8.60 11.25 9.06
CA LEU A 619 -9.28 11.22 10.34
C LEU A 619 -8.43 11.85 11.43
N TRP A 620 -7.11 11.64 11.39
CA TRP A 620 -6.25 12.22 12.46
C TRP A 620 -6.30 13.73 12.39
N ALA A 621 -6.53 14.26 11.18
CA ALA A 621 -6.60 15.74 10.97
C ALA A 621 -7.95 16.29 11.43
N GLY A 622 -8.89 15.38 11.81
CA GLY A 622 -10.25 15.78 12.24
C GLY A 622 -11.26 15.96 11.08
N THR A 623 -10.89 15.41 9.90
CA THR A 623 -11.69 15.61 8.74
CA THR A 623 -11.67 15.54 8.65
C THR A 623 -12.62 14.35 8.53
N PRO A 624 -13.97 14.55 8.53
CA PRO A 624 -14.94 13.46 8.29
C PRO A 624 -14.71 12.86 6.88
N MET A 625 -14.86 11.57 6.77
CA MET A 625 -14.72 10.84 5.53
C MET A 625 -16.07 10.19 5.22
N VAL A 626 -16.55 10.38 4.00
CA VAL A 626 -17.77 9.73 3.52
C VAL A 626 -17.36 8.47 2.74
N THR A 627 -17.96 7.35 3.08
CA THR A 627 -17.57 6.15 2.41
C THR A 627 -18.74 5.24 2.02
N MET A 628 -18.54 4.41 1.01
CA MET A 628 -19.56 3.36 0.66
C MET A 628 -18.93 1.99 0.63
N PRO A 629 -18.99 1.25 1.73
CA PRO A 629 -18.38 -0.11 1.79
C PRO A 629 -18.94 -1.01 0.73
N GLY A 630 -18.05 -1.77 0.07
CA GLY A 630 -18.38 -2.66 -1.09
C GLY A 630 -18.37 -4.11 -0.58
N GLU A 631 -17.80 -4.99 -1.37
CA GLU A 631 -17.80 -6.44 -1.13
C GLU A 631 -16.43 -6.89 -0.60
N THR A 632 -15.35 -6.48 -1.28
CA THR A 632 -13.94 -6.87 -0.91
C THR A 632 -13.51 -6.23 0.42
N LEU A 633 -12.55 -6.87 1.12
CA LEU A 633 -11.90 -6.30 2.27
C LEU A 633 -11.45 -4.81 1.93
N ALA A 634 -10.80 -4.62 0.79
CA ALA A 634 -10.21 -3.32 0.38
C ALA A 634 -11.24 -2.22 0.23
N SER A 635 -12.51 -2.62 -0.01
CA SER A 635 -13.64 -1.66 -0.27
C SER A 635 -14.38 -1.29 1.02
N ARG A 636 -13.94 -1.86 2.14
CA ARG A 636 -14.68 -1.96 3.41
C ARG A 636 -13.88 -1.39 4.59
N VAL A 637 -12.58 -1.13 4.39
CA VAL A 637 -11.69 -0.69 5.49
C VAL A 637 -12.12 0.67 6.06
N ALA A 638 -12.53 1.59 5.21
CA ALA A 638 -12.86 2.91 5.72
C ALA A 638 -14.16 2.88 6.60
N ALA A 639 -15.05 1.97 6.27
CA ALA A 639 -16.28 1.87 7.01
C ALA A 639 -15.94 1.28 8.37
N SER A 640 -14.98 0.37 8.37
CA SER A 640 -14.48 -0.20 9.66
C SER A 640 -13.79 0.89 10.54
N GLN A 641 -12.86 1.63 9.93
CA GLN A 641 -12.33 2.82 10.64
C GLN A 641 -13.42 3.71 11.24
N LEU A 642 -14.40 4.09 10.41
CA LEU A 642 -15.45 5.03 10.82
C LEU A 642 -16.36 4.41 11.92
N THR A 643 -16.63 3.09 11.81
CA THR A 643 -17.36 2.42 12.88
C THR A 643 -16.61 2.42 14.16
N CYS A 644 -15.30 2.15 14.08
CA CYS A 644 -14.49 2.20 15.30
C CYS A 644 -14.54 3.63 15.83
N LEU A 645 -14.48 4.61 14.95
CA LEU A 645 -14.50 6.01 15.43
C LEU A 645 -15.86 6.44 16.08
N GLY A 646 -16.93 5.70 15.78
CA GLY A 646 -18.30 6.06 16.20
C GLY A 646 -18.99 7.07 15.29
N CYS A 647 -18.73 7.05 13.99
CA CYS A 647 -19.40 7.92 13.04
C CYS A 647 -20.18 7.15 11.99
N LEU A 648 -21.26 6.48 12.39
CA LEU A 648 -22.02 5.61 11.50
C LEU A 648 -22.81 6.38 10.48
N GLU A 649 -23.09 7.64 10.79
CA GLU A 649 -23.81 8.51 9.84
C GLU A 649 -22.98 8.83 8.57
N LEU A 650 -21.69 8.45 8.56
CA LEU A 650 -20.76 8.72 7.42
C LEU A 650 -20.68 7.52 6.44
N ILE A 651 -21.26 6.38 6.80
CA ILE A 651 -21.19 5.16 6.02
C ILE A 651 -22.43 5.12 5.08
N ALA A 652 -22.23 5.07 3.75
CA ALA A 652 -23.38 4.95 2.79
C ALA A 652 -23.71 3.47 2.43
N LYS A 653 -25.00 3.17 2.26
CA LYS A 653 -25.44 1.81 1.82
C LYS A 653 -25.49 1.73 0.31
N ASN A 654 -25.46 2.89 -0.38
CA ASN A 654 -25.49 2.93 -1.86
C ASN A 654 -25.10 4.35 -2.30
N ARG A 655 -25.09 4.55 -3.63
CA ARG A 655 -24.55 5.75 -4.28
C ARG A 655 -25.36 7.00 -3.97
N GLN A 656 -26.67 6.79 -3.87
CA GLN A 656 -27.60 7.87 -3.60
C GLN A 656 -27.38 8.39 -2.18
N GLU A 657 -27.32 7.46 -1.25
CA GLU A 657 -26.89 7.84 0.11
C GLU A 657 -25.55 8.62 0.22
N TYR A 658 -24.54 8.14 -0.53
CA TYR A 658 -23.17 8.69 -0.50
C TYR A 658 -23.21 10.17 -0.96
N GLU A 659 -23.82 10.38 -2.13
CA GLU A 659 -24.10 11.74 -2.56
C GLU A 659 -24.85 12.56 -1.54
N ASP A 660 -25.89 11.97 -0.97
CA ASP A 660 -26.75 12.78 -0.04
C ASP A 660 -25.97 13.12 1.20
N ILE A 661 -25.24 12.13 1.74
CA ILE A 661 -24.34 12.43 2.90
C ILE A 661 -23.40 13.61 2.62
N ALA A 662 -22.75 13.53 1.47
CA ALA A 662 -21.74 14.48 1.06
C ALA A 662 -22.34 15.86 0.78
N VAL A 663 -23.48 15.93 0.09
CA VAL A 663 -24.18 17.21 -0.14
C VAL A 663 -24.63 17.77 1.19
N LYS A 664 -25.22 16.91 2.01
CA LYS A 664 -25.61 17.35 3.35
C LYS A 664 -24.43 18.00 4.09
N LEU A 665 -23.21 17.40 4.05
CA LEU A 665 -22.12 17.97 4.87
C LEU A 665 -21.56 19.22 4.21
N GLY A 666 -21.76 19.38 2.90
CA GLY A 666 -21.35 20.67 2.28
C GLY A 666 -22.37 21.83 2.27
N THR A 667 -23.60 21.56 2.71
CA THR A 667 -24.66 22.62 2.78
C THR A 667 -25.23 22.92 4.23
N ASP A 668 -25.64 21.89 4.97
CA ASP A 668 -25.97 22.03 6.41
C ASP A 668 -24.71 22.36 7.27
N LEU A 669 -24.27 23.61 7.27
CA LEU A 669 -23.10 24.01 7.96
C LEU A 669 -23.05 23.68 9.46
N GLU A 670 -24.18 23.87 10.20
CA GLU A 670 -24.23 23.39 11.60
C GLU A 670 -24.05 21.87 11.74
N TYR A 671 -24.49 21.10 10.76
CA TYR A 671 -24.34 19.63 10.92
C TYR A 671 -22.86 19.25 10.56
N LEU A 672 -22.27 19.98 9.61
CA LEU A 672 -20.80 19.86 9.31
C LEU A 672 -19.99 20.16 10.57
N LYS A 673 -20.41 21.16 11.35
CA LYS A 673 -19.67 21.56 12.55
C LYS A 673 -19.77 20.47 13.62
N LYS A 674 -20.97 19.94 13.72
CA LYS A 674 -21.17 18.82 14.62
C LYS A 674 -20.34 17.62 14.24
N VAL A 675 -20.42 17.17 12.98
CA VAL A 675 -19.69 15.97 12.55
C VAL A 675 -18.15 16.12 12.63
N ARG A 676 -17.62 17.28 12.22
CA ARG A 676 -16.23 17.65 12.40
C ARG A 676 -15.82 17.58 13.88
N GLY A 677 -16.59 18.23 14.77
CA GLY A 677 -16.33 18.20 16.24
C GLY A 677 -16.36 16.79 16.79
N LYS A 678 -17.24 15.97 16.22
CA LYS A 678 -17.31 14.54 16.61
C LYS A 678 -16.00 13.82 16.16
N VAL A 679 -15.55 14.09 14.94
CA VAL A 679 -14.31 13.44 14.48
C VAL A 679 -13.11 13.92 15.33
N TRP A 680 -13.03 15.23 15.56
CA TRP A 680 -11.92 15.80 16.29
C TRP A 680 -11.78 15.27 17.72
N LYS A 681 -12.90 15.11 18.43
CA LYS A 681 -12.89 14.54 19.73
C LYS A 681 -12.77 12.99 19.66
N GLN A 682 -13.40 12.29 18.73
CA GLN A 682 -13.28 10.79 18.85
C GLN A 682 -11.94 10.20 18.34
N ARG A 683 -11.07 10.99 17.64
CA ARG A 683 -9.78 10.40 17.20
C ARG A 683 -8.96 10.11 18.44
N ILE A 684 -9.30 10.80 19.53
CA ILE A 684 -8.65 10.59 20.79
C ILE A 684 -9.42 9.63 21.72
N SER A 685 -10.72 9.85 21.91
CA SER A 685 -11.48 9.07 22.91
C SER A 685 -11.82 7.64 22.47
N SER A 686 -11.89 7.39 21.16
CA SER A 686 -12.22 6.10 20.63
C SER A 686 -10.97 5.22 20.59
N PRO A 687 -11.13 3.91 20.33
CA PRO A 687 -9.98 2.97 20.13
C PRO A 687 -9.09 3.20 18.88
N LEU A 688 -9.53 4.07 17.97
CA LEU A 688 -8.98 4.05 16.61
C LEU A 688 -7.46 4.22 16.56
N PHE A 689 -6.94 5.22 17.27
CA PHE A 689 -5.52 5.56 17.24
C PHE A 689 -4.85 5.15 18.54
N ASN A 690 -5.43 4.18 19.25
CA ASN A 690 -4.95 3.80 20.58
C ASN A 690 -4.11 2.55 20.50
N THR A 691 -2.80 2.76 20.42
CA THR A 691 -1.98 1.64 20.03
C THR A 691 -1.86 0.63 21.19
N LYS A 692 -1.85 1.13 22.42
CA LYS A 692 -1.75 0.25 23.60
C LYS A 692 -2.98 -0.67 23.70
N GLN A 693 -4.20 -0.10 23.63
CA GLN A 693 -5.40 -0.89 23.65
C GLN A 693 -5.37 -1.89 22.47
N TYR A 694 -5.07 -1.40 21.26
CA TYR A 694 -4.95 -2.31 20.12
C TYR A 694 -4.02 -3.49 20.44
N THR A 695 -2.82 -3.20 20.94
CA THR A 695 -1.88 -4.28 21.22
C THR A 695 -2.46 -5.30 22.25
N MET A 696 -3.16 -4.82 23.27
CA MET A 696 -3.74 -5.70 24.30
C MET A 696 -4.86 -6.61 23.72
N GLU A 697 -5.65 -6.08 22.76
CA GLU A 697 -6.69 -6.87 22.12
C GLU A 697 -6.05 -7.89 21.25
N LEU A 698 -5.05 -7.45 20.51
CA LEU A 698 -4.26 -8.34 19.68
C LEU A 698 -3.67 -9.49 20.48
N GLU A 699 -3.16 -9.17 21.66
CA GLU A 699 -2.64 -10.19 22.51
C GLU A 699 -3.73 -11.20 22.95
N ARG A 700 -4.92 -10.69 23.28
CA ARG A 700 -6.06 -11.51 23.71
C ARG A 700 -6.48 -12.48 22.60
N LEU A 701 -6.39 -12.03 21.35
CA LEU A 701 -6.68 -12.87 20.17
C LEU A 701 -5.57 -13.86 19.86
N TYR A 702 -4.31 -13.53 20.14
CA TYR A 702 -3.21 -14.47 19.91
C TYR A 702 -3.37 -15.68 20.87
N LEU A 703 -3.83 -15.39 22.08
CA LEU A 703 -3.97 -16.40 23.09
C LEU A 703 -5.18 -17.29 22.78
N GLN A 704 -6.35 -16.72 22.46
CA GLN A 704 -7.47 -17.48 21.88
C GLN A 704 -6.98 -18.47 20.79
N MET A 705 -6.24 -18.00 19.78
CA MET A 705 -5.68 -18.87 18.73
C MET A 705 -4.75 -19.93 19.29
N TRP A 706 -4.00 -19.59 20.33
CA TRP A 706 -3.02 -20.53 20.79
C TRP A 706 -3.67 -21.70 21.54
N GLU A 707 -4.50 -21.36 22.52
CA GLU A 707 -5.26 -22.27 23.36
C GLU A 707 -6.13 -23.23 22.53
N HIS A 708 -6.90 -22.67 21.58
CA HIS A 708 -7.59 -23.51 20.55
C HIS A 708 -6.67 -24.47 19.75
N TYR A 709 -5.36 -24.20 19.66
CA TYR A 709 -4.49 -25.17 19.05
C TYR A 709 -3.76 -26.08 20.05
N ALA A 710 -3.42 -25.52 21.21
CA ALA A 710 -2.69 -26.27 22.25
C ALA A 710 -3.44 -27.57 22.51
N ALA A 711 -4.76 -27.41 22.57
CA ALA A 711 -5.73 -28.44 22.77
C ALA A 711 -6.06 -29.18 21.45
N GLY A 712 -5.03 -29.49 20.65
CA GLY A 712 -5.18 -30.09 19.31
C GLY A 712 -6.47 -29.84 18.49
N ASN A 713 -6.97 -28.61 18.39
CA ASN A 713 -7.98 -28.32 17.38
C ASN A 713 -7.21 -27.71 16.21
N LYS A 714 -7.88 -27.61 15.06
CA LYS A 714 -7.28 -27.06 13.86
C LYS A 714 -7.90 -25.70 13.67
N PRO A 715 -7.32 -24.90 12.77
CA PRO A 715 -7.85 -23.54 12.63
C PRO A 715 -9.37 -23.47 12.39
N ASP A 716 -10.04 -22.67 13.23
CA ASP A 716 -11.44 -22.26 13.06
C ASP A 716 -11.69 -20.75 13.46
N HIS A 717 -12.78 -20.16 12.96
CA HIS A 717 -13.14 -18.74 13.15
C HIS A 717 -13.17 -18.28 14.60
N MET A 718 -12.47 -17.17 14.91
CA MET A 718 -12.40 -16.65 16.28
C MET A 718 -13.25 -15.38 16.44
N ILE A 719 -14.15 -15.39 17.43
CA ILE A 719 -15.11 -14.30 17.75
C ILE A 719 -15.31 -14.30 19.27
N TYR B 1 7.13 12.08 -3.19
CA TYR B 1 6.75 13.51 -3.46
C TYR B 1 7.90 14.20 -4.25
N PRO B 2 7.62 15.33 -4.92
CA PRO B 2 8.70 15.95 -5.68
C PRO B 2 9.77 16.46 -4.76
N GLY B 3 10.94 15.88 -4.87
CA GLY B 3 11.97 16.20 -3.92
C GLY B 3 12.51 14.98 -3.20
N GLY B 4 11.75 13.87 -3.17
CA GLY B 4 12.21 12.65 -2.49
C GLY B 4 11.32 11.51 -2.88
N SER B 5 10.87 10.78 -1.87
CA SER B 5 9.97 9.69 -2.25
C SER B 5 8.92 9.37 -1.22
N THR B 6 7.77 9.03 -1.75
CA THR B 6 6.67 8.67 -0.93
C THR B 6 6.52 7.18 -1.12
N PRO B 7 6.94 6.38 -0.14
CA PRO B 7 6.72 4.91 -0.27
C PRO B 7 5.23 4.61 -0.21
N VAL B 8 4.75 3.62 -0.94
CA VAL B 8 3.30 3.26 -0.95
C VAL B 8 3.21 1.71 -0.93
N SER B 9 2.03 1.14 -0.70
CA SER B 9 1.86 -0.35 -0.89
C SER B 9 1.72 -0.63 -2.41
N SER B 10 2.40 -1.65 -2.90
CA SER B 10 2.30 -2.01 -4.33
C SER B 10 2.64 -3.51 -4.50
N ALA B 11 2.21 -4.11 -5.62
CA ALA B 11 2.37 -5.57 -5.95
C ALA B 11 3.83 -6.06 -5.98
N ASN B 12 4.11 -7.33 -5.58
CA ASN B 12 5.47 -8.01 -5.76
C ASN B 12 5.90 -8.40 -7.18
N1 UDP C . 1.05 10.21 1.41
C2 UDP C . 2.07 11.18 1.56
N3 UDP C . 1.95 12.37 0.99
C4 UDP C . 0.81 12.63 0.27
C5 UDP C . -0.21 11.67 0.11
C6 UDP C . -0.03 10.44 0.67
O2 UDP C . 3.06 10.96 2.32
O4 UDP C . 0.70 13.74 -0.28
C1' UDP C . 1.33 8.94 2.02
C2' UDP C . 0.21 8.29 2.82
O2' UDP C . 0.42 8.59 4.18
C3' UDP C . 0.49 6.82 2.61
C4' UDP C . 1.09 6.70 1.22
O4' UDP C . 1.44 8.07 0.89
O3' UDP C . 1.47 6.43 3.57
C5' UDP C . 0.08 6.12 0.19
O5' UDP C . 0.25 4.70 0.31
PA UDP C . -0.90 3.66 -0.13
O1A UDP C . -0.46 2.26 0.10
O2A UDP C . -1.34 4.04 -1.52
O3A UDP C . -1.99 4.05 1.01
PB UDP C . -3.33 3.18 1.44
O1B UDP C . -3.66 2.34 0.26
O2B UDP C . -2.92 2.42 2.66
O3B UDP C . -4.31 4.25 1.82
C10 9C1 D . -4.35 -0.74 -1.90
C11 9C1 D . -4.45 -1.68 -2.90
C12 9C1 D . -5.19 -1.68 -4.23
C3 9C1 D . -2.96 -1.05 3.05
C4 9C1 D . -1.88 -1.50 4.07
O14 9C1 D . -2.70 -2.08 -0.78
O6 9C1 D . 1.22 -1.65 4.59
C6 9C1 D . 0.30 -0.70 5.20
C5 9C1 D . -0.88 -0.23 4.22
O5 9C1 D . -0.35 0.31 2.94
C1 9C1 D . -0.87 -0.08 1.61
C2 9C1 D . -2.34 -0.94 1.58
N2 9C1 D . -3.30 -0.38 0.56
C09 9C1 D . -3.45 -1.05 -0.68
CL13 9C1 D . -4.02 -2.49 -5.68
O3 9C1 D . -3.97 -2.08 3.01
O4 9C1 D . -2.60 -1.60 5.32
#